data_8HC6
#
_entry.id   8HC6
#
_cell.length_a   1.00
_cell.length_b   1.00
_cell.length_c   1.00
_cell.angle_alpha   90.00
_cell.angle_beta   90.00
_cell.angle_gamma   90.00
#
_symmetry.space_group_name_H-M   'P 1'
#
loop_
_entity.id
_entity.type
_entity.pdbx_description
1 polymer 'Spike protein S1'
2 polymer 'Heavy chain of YB9-258 Fab'
3 polymer 'Light chain of YB9-258'
4 polymer 'Spike protein S1'
5 non-polymer 2-acetamido-2-deoxy-beta-D-glucopyranose
#
loop_
_entity_poly.entity_id
_entity_poly.type
_entity_poly.pdbx_seq_one_letter_code
_entity_poly.pdbx_strand_id
1 'polypeptide(L)'
;PTESIVRFPNITNLCPFDEVFNATRFASVYAWNRKRISNCVADYSVLYNLAPFFTFKCYGVSPTKLNDLCFTNVYADSFV
IRGDEVRQIAPGQTGNIADYNYKLPDDFTGCVIAWNSNKLDSKVSGNYNYLYRLFRKSNLKPFERDISTEIYQAGNKPCN
GVAGFNCYFPLRSYSFRPTYGVGHQPYRVVVLSFELLHAPATVCGPKKSTNLVKNKCVNFNFNGLKGTGVLTESNKKFLP
FQQFGRDIADTTDAVRDPQTLEILDIT
;
C
2 'polypeptide(L)'
;EVQLVESGGGLIQPGGSLRLSCAASGLTVSSNYMHWVRQAPGKGLEWVSVLYAGGSAFYADSVKGRFTISRNNSKNTLYL
QMNSLRAEDTAIYYCARGLGDYLDSWGQGTLVTVSSASTKGPSVFPLAPSSKSTSGGTAALGCLVKDYFPEPVTVSWNSG
ALTSGVHTFPAVLQSSGLYSLSSVVTVPSSSLGTQTYICNVNHKPSNTKVDKKVEPKSCD
;
H
3 'polypeptide(L)'
;DIQMTQSPSSVSASVGDRVTITCRASQGIGSWLAWYQQKPGKAPQLLIYAASTLQSGVPPRFSGSGSGTDFTLTITSLQP
EDFASYYCQQANSVLALTFGGGTKVEIKRTVAAPSVFIFPPSDEQLKSGTASVVCLLNNFYPREAKVQWKVDNALQSGNS
QESVTEQDSKDSTYSLSSTLTLSKADYEKHKVYACEVTHQGLSSPVTKSFNRGEC
;
L
4 'polypeptide(L)'
;QCVNLTTRTQLPPAYTNSFTRGVYYPDKVFRSSVLHSTQDLFLPFFSNVTWFHVISGTNGTKRFDNPVLPFNDGVYFASI
EKSNIIRGWIFGTTLDSKTQSLLIVNNATNVVIKVCEFQFCNDPFLDHKNNKSWMESEFRVYSSANNCTFEYVSQPFLMD
LEGKQGNFKNLREFVFKNIDGYFKIYSKHTPIIVREPEDLPQGFSALEPLVDLPIGINITRFQTLLALHRSYLTPGDSSS
GWTAGAAAYYVGYLQPRTFLLKYNENGTITDAV
;
B
#
loop_
_chem_comp.id
_chem_comp.type
_chem_comp.name
_chem_comp.formula
NAG D-saccharide, beta linking 2-acetamido-2-deoxy-beta-D-glucopyranose 'C8 H15 N O6'
#
# COMPACT_ATOMS: atom_id res chain seq x y z
N PRO A 1 -6.18 30.80 47.23
CA PRO A 1 -6.92 31.36 46.09
C PRO A 1 -6.73 30.54 44.82
N THR A 2 -5.53 30.57 44.24
CA THR A 2 -5.25 29.86 43.02
C THR A 2 -4.87 28.40 43.33
N GLU A 3 -4.57 27.65 42.27
CA GLU A 3 -4.20 26.25 42.38
C GLU A 3 -2.79 26.05 41.85
N SER A 4 -1.97 25.36 42.64
CA SER A 4 -0.61 25.04 42.23
C SER A 4 -0.59 23.65 41.59
N ILE A 5 -0.03 23.57 40.37
CA ILE A 5 -0.01 22.33 39.61
C ILE A 5 1.02 21.38 40.22
N VAL A 6 1.00 20.11 39.78
CA VAL A 6 1.86 19.10 40.35
C VAL A 6 3.31 19.38 40.00
N ARG A 7 4.20 19.23 40.99
CA ARG A 7 5.63 19.48 40.81
C ARG A 7 6.32 18.13 40.58
N PHE A 8 6.17 17.62 39.36
CA PHE A 8 6.86 16.41 38.96
C PHE A 8 8.35 16.70 38.77
N PRO A 9 9.21 15.66 38.83
CA PRO A 9 10.66 15.89 38.70
C PRO A 9 11.10 16.48 37.36
N ASN A 10 12.40 16.74 37.25
CA ASN A 10 12.96 17.39 36.08
C ASN A 10 12.78 16.54 34.82
N ILE A 11 13.03 17.15 33.68
CA ILE A 11 12.89 16.47 32.40
C ILE A 11 13.97 15.40 32.29
N THR A 12 13.54 14.14 32.19
CA THR A 12 14.46 13.01 32.10
C THR A 12 14.94 12.87 30.65
N ASN A 13 15.53 11.72 30.34
CA ASN A 13 16.03 11.48 28.99
C ASN A 13 14.89 11.47 27.98
N LEU A 14 15.10 12.17 26.87
CA LEU A 14 14.10 12.28 25.83
C LEU A 14 14.19 11.08 24.88
N CYS A 15 13.05 10.67 24.35
CA CYS A 15 13.01 9.60 23.37
C CYS A 15 13.73 10.03 22.10
N PRO A 16 14.47 9.15 21.44
CA PRO A 16 15.26 9.56 20.26
C PRO A 16 14.40 9.82 19.04
N PHE A 17 13.50 10.81 19.11
CA PHE A 17 12.71 11.21 17.96
C PHE A 17 13.47 12.12 17.01
N ASP A 18 14.58 12.70 17.46
CA ASP A 18 15.36 13.58 16.58
C ASP A 18 16.06 12.79 15.48
N GLU A 19 16.69 11.67 15.84
CA GLU A 19 17.38 10.86 14.83
C GLU A 19 16.41 10.08 13.96
N VAL A 20 15.21 9.78 14.47
CA VAL A 20 14.21 9.10 13.67
C VAL A 20 13.67 10.03 12.58
N PHE A 21 13.34 11.26 12.95
CA PHE A 21 12.73 12.21 12.04
C PHE A 21 13.73 12.99 11.18
N ASN A 22 15.03 12.84 11.45
CA ASN A 22 16.04 13.60 10.73
C ASN A 22 17.24 12.75 10.35
N ALA A 23 17.03 11.46 10.09
CA ALA A 23 18.12 10.60 9.67
C ALA A 23 18.56 10.95 8.25
N THR A 24 19.86 10.77 7.98
CA THR A 24 20.40 11.09 6.67
C THR A 24 20.00 10.07 5.60
N ARG A 25 19.53 8.89 6.00
CA ARG A 25 19.12 7.87 5.05
C ARG A 25 18.07 6.99 5.70
N PHE A 26 16.96 6.79 5.00
CA PHE A 26 15.87 5.94 5.48
C PHE A 26 15.94 4.56 4.84
N ALA A 27 15.31 3.60 5.49
CA ALA A 27 15.32 2.22 5.01
C ALA A 27 14.41 2.06 3.80
N SER A 28 14.57 0.93 3.12
CA SER A 28 13.77 0.63 1.95
C SER A 28 12.34 0.29 2.34
N VAL A 29 11.45 0.27 1.34
CA VAL A 29 10.04 -0.03 1.58
C VAL A 29 9.88 -1.48 2.02
N TYR A 30 10.49 -2.42 1.29
CA TYR A 30 10.38 -3.82 1.66
C TYR A 30 11.24 -4.15 2.88
N ALA A 31 12.44 -3.58 2.96
CA ALA A 31 13.33 -3.79 4.10
C ALA A 31 13.21 -2.63 5.09
N TRP A 32 11.98 -2.45 5.60
CA TRP A 32 11.72 -1.36 6.52
C TRP A 32 12.33 -1.67 7.88
N ASN A 33 13.04 -0.69 8.45
CA ASN A 33 13.71 -0.88 9.72
C ASN A 33 12.71 -0.92 10.87
N ARG A 34 12.99 -1.75 11.87
CA ARG A 34 12.16 -1.87 13.05
C ARG A 34 12.93 -1.31 14.24
N LYS A 35 12.38 -0.30 14.89
CA LYS A 35 13.01 0.36 16.03
C LYS A 35 12.02 0.43 17.19
N ARG A 36 12.50 0.14 18.39
CA ARG A 36 11.70 0.17 19.60
C ARG A 36 12.13 1.34 20.47
N ILE A 37 11.14 2.11 20.93
CA ILE A 37 11.39 3.31 21.75
C ILE A 37 10.77 3.07 23.12
N SER A 38 11.59 3.17 24.17
CA SER A 38 11.12 2.98 25.53
C SER A 38 12.11 3.64 26.49
N ASN A 39 11.75 3.63 27.77
CA ASN A 39 12.59 4.14 28.86
C ASN A 39 12.96 5.61 28.65
N CYS A 40 11.96 6.41 28.34
CA CYS A 40 12.14 7.84 28.12
C CYS A 40 10.80 8.54 28.39
N VAL A 41 10.66 9.77 27.93
CA VAL A 41 9.40 10.51 27.97
C VAL A 41 9.05 10.96 26.57
N ALA A 42 7.78 10.79 26.20
CA ALA A 42 7.30 11.12 24.87
C ALA A 42 6.63 12.49 24.90
N ASP A 43 7.02 13.35 23.96
CA ASP A 43 6.48 14.70 23.83
C ASP A 43 6.13 14.94 22.37
N TYR A 44 4.87 14.75 22.02
CA TYR A 44 4.39 14.99 20.66
C TYR A 44 3.96 16.42 20.41
N SER A 45 3.91 17.25 21.47
CA SER A 45 3.46 18.63 21.29
C SER A 45 4.54 19.48 20.61
N VAL A 46 5.81 19.21 20.90
CA VAL A 46 6.89 20.00 20.30
C VAL A 46 6.99 19.74 18.81
N LEU A 47 6.77 18.49 18.37
CA LEU A 47 6.76 18.20 16.94
C LEU A 47 5.53 18.78 16.25
N TYR A 48 4.39 18.81 16.95
CA TYR A 48 3.17 19.34 16.35
C TYR A 48 3.17 20.86 16.28
N ASN A 49 3.92 21.53 17.17
CA ASN A 49 3.96 22.99 17.17
C ASN A 49 4.59 23.53 15.90
N LEU A 50 5.68 22.90 15.43
CA LEU A 50 6.28 23.31 14.16
C LEU A 50 5.35 23.01 12.99
N ALA A 51 4.66 21.87 13.03
CA ALA A 51 3.70 21.39 12.04
C ALA A 51 4.27 21.37 10.62
N PRO A 52 5.24 20.50 10.32
CA PRO A 52 5.70 20.34 8.94
C PRO A 52 5.02 19.20 8.17
N PHE A 53 3.97 18.60 8.73
CA PHE A 53 3.35 17.42 8.17
C PHE A 53 2.01 17.76 7.53
N PHE A 54 1.69 17.02 6.47
CA PHE A 54 0.44 17.21 5.74
C PHE A 54 -0.54 16.07 5.97
N THR A 55 -0.24 15.14 6.88
CA THR A 55 -1.11 14.01 7.16
C THR A 55 -1.21 13.82 8.67
N PHE A 56 -2.43 13.90 9.20
CA PHE A 56 -2.65 13.73 10.63
C PHE A 56 -3.90 12.90 10.91
N LYS A 57 -4.22 11.96 10.03
CA LYS A 57 -5.39 11.11 10.23
C LYS A 57 -5.04 9.97 11.17
N CYS A 58 -5.70 9.94 12.33
CA CYS A 58 -5.45 8.90 13.33
C CYS A 58 -6.77 8.37 13.84
N TYR A 59 -6.83 7.07 14.08
CA TYR A 59 -8.04 6.39 14.54
C TYR A 59 -7.79 5.78 15.90
N GLY A 60 -8.73 6.02 16.83
CA GLY A 60 -8.67 5.47 18.16
C GLY A 60 -7.95 6.33 19.19
N VAL A 61 -7.18 7.32 18.76
CA VAL A 61 -6.45 8.20 19.65
C VAL A 61 -6.68 9.64 19.23
N SER A 62 -6.42 10.56 20.15
CA SER A 62 -6.55 11.98 19.91
C SER A 62 -5.27 12.69 20.32
N PRO A 63 -4.88 13.75 19.60
CA PRO A 63 -3.66 14.49 19.98
C PRO A 63 -3.73 15.14 21.34
N THR A 64 -4.93 15.54 21.79
CA THR A 64 -5.06 16.18 23.09
C THR A 64 -4.83 15.19 24.23
N LYS A 65 -5.25 13.95 24.07
CA LYS A 65 -5.12 12.94 25.12
C LYS A 65 -3.86 12.08 24.98
N LEU A 66 -2.98 12.42 24.03
CA LEU A 66 -1.74 11.66 23.88
C LEU A 66 -0.81 11.85 25.07
N ASN A 67 -0.85 13.01 25.71
CA ASN A 67 -0.01 13.28 26.88
C ASN A 67 -0.58 12.70 28.16
N ASP A 68 -1.82 12.21 28.15
CA ASP A 68 -2.45 11.65 29.34
C ASP A 68 -2.31 10.13 29.40
N LEU A 69 -2.81 9.43 28.37
CA LEU A 69 -2.70 7.99 28.30
C LEU A 69 -1.38 7.57 27.67
N CYS A 70 -0.95 6.35 27.99
CA CYS A 70 0.32 5.85 27.49
C CYS A 70 0.28 4.33 27.42
N PHE A 71 1.21 3.77 26.65
CA PHE A 71 1.25 2.34 26.36
C PHE A 71 2.60 1.77 26.81
N THR A 72 2.74 0.45 26.64
CA THR A 72 3.92 -0.25 27.14
C THR A 72 5.16 0.10 26.32
N ASN A 73 5.05 0.06 24.99
CA ASN A 73 6.22 0.28 24.14
C ASN A 73 5.79 1.01 22.87
N VAL A 74 6.77 1.63 22.23
CA VAL A 74 6.57 2.40 21.01
C VAL A 74 7.46 1.82 19.92
N TYR A 75 6.87 1.51 18.77
CA TYR A 75 7.59 0.97 17.62
C TYR A 75 7.59 1.99 16.49
N ALA A 76 8.74 2.15 15.84
CA ALA A 76 8.92 3.14 14.78
C ALA A 76 9.40 2.44 13.51
N ASP A 77 8.73 2.73 12.40
CA ASP A 77 9.11 2.21 11.08
C ASP A 77 9.21 3.39 10.13
N SER A 78 10.41 3.62 9.60
CA SER A 78 10.69 4.75 8.73
C SER A 78 11.09 4.26 7.34
N PHE A 79 10.34 4.70 6.33
CA PHE A 79 10.61 4.35 4.94
C PHE A 79 9.87 5.32 4.03
N VAL A 80 10.46 5.57 2.86
CA VAL A 80 9.97 6.61 1.95
C VAL A 80 8.75 6.11 1.19
N ILE A 81 7.70 6.93 1.17
CA ILE A 81 6.41 6.59 0.56
C ILE A 81 5.87 7.83 -0.15
N ARG A 82 5.48 7.67 -1.41
CA ARG A 82 4.87 8.77 -2.14
C ARG A 82 3.43 9.00 -1.69
N GLY A 83 2.93 10.21 -1.97
CA GLY A 83 1.65 10.64 -1.41
C GLY A 83 0.46 9.80 -1.85
N ASP A 84 0.49 9.31 -3.09
CA ASP A 84 -0.57 8.43 -3.55
C ASP A 84 -0.61 7.21 -2.64
N GLU A 85 0.56 6.60 -2.43
CA GLU A 85 0.62 5.43 -1.55
C GLU A 85 0.37 5.84 -0.10
N VAL A 86 0.70 7.08 0.24
CA VAL A 86 0.46 7.56 1.60
C VAL A 86 -1.03 7.47 1.92
N ARG A 87 -1.85 8.10 1.09
CA ARG A 87 -3.30 8.07 1.31
C ARG A 87 -3.80 6.63 1.44
N GLN A 88 -2.96 5.66 1.06
CA GLN A 88 -3.29 4.23 1.13
C GLN A 88 -2.87 3.59 2.45
N ILE A 89 -2.31 4.35 3.40
CA ILE A 89 -1.80 3.77 4.63
C ILE A 89 -2.91 3.33 5.56
N ALA A 90 -4.14 3.76 5.32
CA ALA A 90 -5.26 3.43 6.19
C ALA A 90 -5.53 1.92 6.18
N PRO A 91 -5.94 1.36 7.32
CA PRO A 91 -6.23 -0.09 7.38
C PRO A 91 -7.34 -0.53 6.45
N GLY A 92 -8.28 0.35 6.13
CA GLY A 92 -9.36 0.01 5.22
C GLY A 92 -9.03 0.32 3.78
N GLN A 93 -7.81 -0.02 3.36
CA GLN A 93 -7.35 0.23 2.00
C GLN A 93 -6.69 -1.02 1.45
N THR A 94 -6.75 -1.17 0.13
CA THR A 94 -6.16 -2.30 -0.56
C THR A 94 -5.29 -1.80 -1.71
N GLY A 95 -4.44 -2.69 -2.20
CA GLY A 95 -3.56 -2.37 -3.31
C GLY A 95 -2.25 -3.11 -3.16
N ASN A 96 -1.26 -2.66 -3.96
CA ASN A 96 0.06 -3.28 -3.91
C ASN A 96 0.77 -2.99 -2.60
N ILE A 97 0.70 -1.75 -2.12
CA ILE A 97 1.37 -1.39 -0.87
C ILE A 97 0.64 -2.01 0.31
N ALA A 98 -0.69 -1.96 0.32
CA ALA A 98 -1.47 -2.42 1.47
C ALA A 98 -1.58 -3.93 1.58
N ASP A 99 -1.16 -4.68 0.56
CA ASP A 99 -1.28 -6.14 0.58
C ASP A 99 0.02 -6.87 0.26
N TYR A 100 1.00 -6.23 -0.38
CA TYR A 100 2.26 -6.88 -0.68
C TYR A 100 3.47 -6.20 -0.03
N ASN A 101 3.32 -4.99 0.52
CA ASN A 101 4.42 -4.27 1.13
C ASN A 101 4.25 -4.07 2.63
N TYR A 102 3.11 -3.53 3.05
CA TYR A 102 2.83 -3.31 4.46
C TYR A 102 1.38 -3.65 4.75
N LYS A 103 1.11 -4.05 5.99
CA LYS A 103 -0.24 -4.40 6.41
C LYS A 103 -0.53 -3.79 7.78
N LEU A 104 -1.74 -3.26 7.94
CA LEU A 104 -2.17 -2.68 9.20
C LEU A 104 -3.44 -3.37 9.67
N PRO A 105 -3.51 -3.80 10.93
CA PRO A 105 -4.71 -4.47 11.42
C PRO A 105 -5.86 -3.48 11.61
N ASP A 106 -7.07 -4.05 11.70
CA ASP A 106 -8.26 -3.23 11.90
C ASP A 106 -8.27 -2.57 13.27
N ASP A 107 -7.72 -3.24 14.28
CA ASP A 107 -7.64 -2.71 15.64
C ASP A 107 -6.29 -2.05 15.93
N PHE A 108 -5.65 -1.50 14.90
CA PHE A 108 -4.36 -0.84 15.09
C PHE A 108 -4.52 0.44 15.89
N THR A 109 -3.62 0.64 16.85
CA THR A 109 -3.62 1.82 17.70
C THR A 109 -2.50 2.75 17.26
N GLY A 110 -2.83 4.01 17.04
CA GLY A 110 -1.88 4.98 16.55
C GLY A 110 -2.10 5.32 15.09
N CYS A 111 -1.12 6.03 14.53
CA CYS A 111 -1.17 6.48 13.14
C CYS A 111 0.25 6.73 12.66
N VAL A 112 0.37 7.25 11.44
CA VAL A 112 1.66 7.51 10.82
C VAL A 112 1.81 9.01 10.60
N ILE A 113 3.06 9.44 10.41
CA ILE A 113 3.40 10.84 10.20
C ILE A 113 4.13 10.95 8.87
N ALA A 114 3.64 11.84 8.01
CA ALA A 114 4.20 12.01 6.67
C ALA A 114 4.43 13.49 6.40
N TRP A 115 5.54 13.79 5.71
CA TRP A 115 5.88 15.17 5.36
C TRP A 115 6.58 15.18 4.01
N ASN A 116 6.56 16.35 3.38
CA ASN A 116 7.16 16.51 2.06
C ASN A 116 8.67 16.43 2.13
N SER A 117 9.27 15.67 1.22
CA SER A 117 10.72 15.50 1.16
C SER A 117 11.19 15.56 -0.29
N ASN A 118 10.71 16.57 -1.02
CA ASN A 118 11.10 16.72 -2.42
C ASN A 118 12.57 17.13 -2.55
N LYS A 119 13.09 17.86 -1.57
CA LYS A 119 14.48 18.30 -1.63
C LYS A 119 15.44 17.13 -1.48
N LEU A 120 15.16 16.22 -0.54
CA LEU A 120 16.03 15.09 -0.28
C LEU A 120 15.60 13.86 -1.07
N ASP A 121 16.43 12.82 -1.01
CA ASP A 121 16.19 11.53 -1.66
C ASP A 121 15.97 11.70 -3.17
N SER A 122 16.73 12.61 -3.77
CA SER A 122 16.62 12.87 -5.21
C SER A 122 17.94 13.42 -5.72
N LYS A 123 18.14 13.32 -7.02
CA LYS A 123 19.34 13.82 -7.68
C LYS A 123 18.92 14.52 -8.97
N VAL A 124 19.89 14.84 -9.82
CA VAL A 124 19.59 15.43 -11.11
C VAL A 124 18.88 14.43 -12.02
N SER A 125 19.19 13.14 -11.88
CA SER A 125 18.56 12.08 -12.63
C SER A 125 17.70 11.24 -11.71
N GLY A 126 17.14 10.15 -12.26
CA GLY A 126 16.32 9.25 -11.50
C GLY A 126 17.07 8.53 -10.39
N ASN A 127 16.50 8.52 -9.19
CA ASN A 127 17.11 7.87 -8.04
C ASN A 127 16.62 6.43 -7.95
N TYR A 128 17.56 5.48 -8.00
CA TYR A 128 17.26 4.06 -7.95
C TYR A 128 17.78 3.40 -6.68
N ASN A 129 17.77 4.13 -5.57
CA ASN A 129 18.30 3.63 -4.30
C ASN A 129 17.23 3.00 -3.42
N TYR A 130 15.97 2.97 -3.86
CA TYR A 130 14.88 2.40 -3.09
C TYR A 130 14.11 1.40 -3.93
N LEU A 131 13.77 0.27 -3.33
CA LEU A 131 13.04 -0.80 -4.00
C LEU A 131 11.85 -1.20 -3.16
N TYR A 132 10.90 -1.89 -3.80
CA TYR A 132 9.68 -2.32 -3.13
C TYR A 132 9.20 -3.64 -3.71
N ARG A 133 8.46 -4.38 -2.90
CA ARG A 133 7.90 -5.65 -3.33
C ARG A 133 6.65 -5.42 -4.18
N LEU A 134 6.56 -6.11 -5.30
CA LEU A 134 5.46 -5.94 -6.24
C LEU A 134 4.64 -7.21 -6.45
N PHE A 135 5.29 -8.37 -6.47
CA PHE A 135 4.61 -9.63 -6.77
C PHE A 135 4.69 -10.55 -5.55
N ARG A 136 3.55 -11.15 -5.19
CA ARG A 136 3.50 -12.10 -4.09
C ARG A 136 2.37 -13.09 -4.36
N LYS A 137 2.52 -14.29 -3.81
CA LYS A 137 1.55 -15.36 -4.01
C LYS A 137 0.44 -15.37 -2.96
N SER A 138 0.53 -14.54 -1.93
CA SER A 138 -0.46 -14.53 -0.86
C SER A 138 -0.46 -13.16 -0.21
N ASN A 139 -1.51 -12.91 0.57
CA ASN A 139 -1.63 -11.65 1.29
C ASN A 139 -0.58 -11.57 2.40
N LEU A 140 -0.03 -10.37 2.59
CA LEU A 140 1.02 -10.18 3.58
C LEU A 140 0.44 -10.20 4.99
N LYS A 141 1.11 -10.92 5.89
CA LYS A 141 0.69 -10.96 7.28
C LYS A 141 1.00 -9.62 7.95
N PRO A 142 0.16 -9.16 8.87
CA PRO A 142 0.42 -7.89 9.54
C PRO A 142 1.62 -7.96 10.49
N PHE A 143 2.30 -6.83 10.61
CA PHE A 143 3.39 -6.62 11.58
C PHE A 143 4.52 -7.65 11.40
N GLU A 144 4.94 -7.84 10.16
CA GLU A 144 6.08 -8.70 9.87
C GLU A 144 6.72 -8.24 8.57
N ARG A 145 8.01 -8.58 8.42
CA ARG A 145 8.80 -8.18 7.26
C ARG A 145 9.43 -9.42 6.64
N ASP A 146 9.30 -9.55 5.33
CA ASP A 146 9.90 -10.64 4.58
C ASP A 146 10.80 -10.08 3.50
N ILE A 147 12.05 -10.55 3.46
CA ILE A 147 13.03 -10.12 2.47
C ILE A 147 13.46 -11.37 1.70
N SER A 148 12.91 -11.55 0.50
CA SER A 148 13.21 -12.71 -0.33
C SER A 148 13.88 -12.24 -1.61
N THR A 149 15.06 -12.79 -1.90
CA THR A 149 15.81 -12.48 -3.10
C THR A 149 15.53 -13.46 -4.24
N GLU A 150 14.65 -14.43 -4.03
CA GLU A 150 14.35 -15.41 -5.06
C GLU A 150 13.56 -14.77 -6.20
N ILE A 151 13.71 -15.35 -7.39
CA ILE A 151 13.03 -14.86 -8.58
C ILE A 151 11.57 -15.31 -8.53
N TYR A 152 10.65 -14.35 -8.57
CA TYR A 152 9.23 -14.67 -8.59
C TYR A 152 8.85 -15.32 -9.91
N GLN A 153 7.99 -16.33 -9.84
CA GLN A 153 7.55 -17.07 -11.00
C GLN A 153 6.03 -16.98 -11.13
N ALA A 154 5.55 -16.93 -12.37
CA ALA A 154 4.12 -16.82 -12.64
C ALA A 154 3.65 -17.94 -13.55
N GLY A 155 4.54 -18.43 -14.41
CA GLY A 155 4.21 -19.49 -15.33
C GLY A 155 4.16 -20.85 -14.66
N ASN A 156 3.70 -21.84 -15.44
CA ASN A 156 3.61 -23.20 -14.92
C ASN A 156 5.00 -23.79 -14.67
N LYS A 157 5.93 -23.56 -15.59
CA LYS A 157 7.28 -24.09 -15.42
C LYS A 157 8.07 -23.26 -14.41
N PRO A 158 8.93 -23.90 -13.62
CA PRO A 158 9.81 -23.13 -12.72
C PRO A 158 11.15 -22.82 -13.37
N CYS A 159 11.63 -21.61 -13.09
CA CYS A 159 12.93 -21.16 -13.58
C CYS A 159 13.90 -21.03 -12.41
N ASN A 160 15.14 -21.46 -12.64
CA ASN A 160 16.15 -21.50 -11.59
C ASN A 160 16.92 -20.18 -11.53
N GLY A 161 16.19 -19.11 -11.21
CA GLY A 161 16.80 -17.81 -11.03
C GLY A 161 17.14 -17.06 -12.31
N VAL A 162 16.77 -17.59 -13.47
CA VAL A 162 17.09 -16.95 -14.74
C VAL A 162 16.10 -15.82 -14.99
N ALA A 163 16.40 -14.96 -15.96
CA ALA A 163 15.56 -13.82 -16.31
C ALA A 163 14.77 -14.08 -17.59
N GLY A 164 14.30 -15.31 -17.78
CA GLY A 164 13.55 -15.68 -18.97
C GLY A 164 12.10 -15.28 -18.87
N PHE A 165 11.29 -15.86 -19.75
CA PHE A 165 9.87 -15.55 -19.79
C PHE A 165 9.14 -16.19 -18.61
N ASN A 166 7.99 -15.60 -18.29
CA ASN A 166 7.04 -16.06 -17.26
C ASN A 166 7.60 -16.01 -15.85
N CYS A 167 8.78 -15.42 -15.65
CA CYS A 167 9.32 -15.22 -14.31
C CYS A 167 10.32 -14.07 -14.35
N TYR A 168 10.18 -13.13 -13.41
CA TYR A 168 11.03 -11.95 -13.36
C TYR A 168 11.35 -11.64 -11.90
N PHE A 169 12.16 -10.61 -11.70
CA PHE A 169 12.51 -10.18 -10.35
C PHE A 169 11.32 -9.48 -9.71
N PRO A 170 10.84 -9.93 -8.55
CA PRO A 170 9.68 -9.28 -7.92
C PRO A 170 9.93 -7.83 -7.52
N LEU A 171 11.14 -7.49 -7.11
CA LEU A 171 11.44 -6.13 -6.68
C LEU A 171 11.54 -5.20 -7.88
N ARG A 172 11.06 -3.97 -7.69
CA ARG A 172 11.12 -2.94 -8.72
C ARG A 172 11.69 -1.66 -8.13
N SER A 173 12.38 -0.91 -8.98
CA SER A 173 13.07 0.30 -8.54
C SER A 173 12.17 1.53 -8.68
N TYR A 174 12.45 2.54 -7.87
CA TYR A 174 11.74 3.80 -7.91
C TYR A 174 12.39 4.76 -8.90
N SER A 175 11.65 5.81 -9.24
CA SER A 175 12.13 6.88 -10.13
C SER A 175 11.76 8.21 -9.50
N PHE A 176 12.72 8.82 -8.80
CA PHE A 176 12.49 10.07 -8.07
C PHE A 176 13.24 11.19 -8.79
N ARG A 177 12.50 12.11 -9.40
CA ARG A 177 13.05 13.26 -10.09
C ARG A 177 12.32 14.52 -9.64
N PRO A 178 12.99 15.67 -9.66
CA PRO A 178 12.32 16.92 -9.27
C PRO A 178 11.21 17.35 -10.21
N THR A 179 11.17 16.82 -11.43
CA THR A 179 10.17 17.22 -12.42
C THR A 179 8.86 16.45 -12.29
N TYR A 180 8.76 15.55 -11.33
CA TYR A 180 7.54 14.77 -11.15
C TYR A 180 6.44 15.65 -10.55
N GLY A 181 5.21 15.13 -10.60
CA GLY A 181 4.05 15.84 -10.10
C GLY A 181 3.96 15.80 -8.59
N VAL A 182 2.91 16.45 -8.08
CA VAL A 182 2.68 16.52 -6.64
C VAL A 182 2.34 15.13 -6.09
N GLY A 183 1.51 14.37 -6.79
CA GLY A 183 1.14 13.05 -6.33
C GLY A 183 2.27 12.03 -6.43
N HIS A 184 3.24 12.26 -7.30
CA HIS A 184 4.39 11.38 -7.45
C HIS A 184 5.59 11.86 -6.65
N GLN A 185 5.45 12.92 -5.87
CA GLN A 185 6.56 13.42 -5.07
C GLN A 185 6.90 12.42 -3.96
N PRO A 186 8.19 12.23 -3.66
CA PRO A 186 8.58 11.28 -2.60
C PRO A 186 8.48 11.93 -1.23
N TYR A 187 7.64 11.36 -0.37
CA TYR A 187 7.47 11.84 1.00
C TYR A 187 8.13 10.87 1.98
N ARG A 188 8.50 11.40 3.14
CA ARG A 188 9.12 10.60 4.19
C ARG A 188 8.06 10.29 5.25
N VAL A 189 7.78 9.01 5.45
CA VAL A 189 6.71 8.56 6.33
C VAL A 189 7.31 7.71 7.44
N VAL A 190 6.92 8.02 8.68
CA VAL A 190 7.32 7.25 9.85
C VAL A 190 6.07 6.72 10.54
N VAL A 191 6.11 5.44 10.92
CA VAL A 191 4.96 4.76 11.51
C VAL A 191 5.09 4.80 13.03
N LEU A 192 4.06 5.31 13.69
CA LEU A 192 4.01 5.37 15.14
C LEU A 192 3.06 4.27 15.64
N SER A 193 3.62 3.23 16.23
CA SER A 193 2.86 2.06 16.67
C SER A 193 2.75 2.05 18.18
N PHE A 194 1.53 1.76 18.66
CA PHE A 194 1.25 1.71 20.09
C PHE A 194 0.74 0.32 20.46
N GLU A 195 1.35 -0.27 21.48
CA GLU A 195 0.95 -1.59 21.97
C GLU A 195 0.81 -1.54 23.49
N LEU A 196 -0.32 -2.02 23.99
CA LEU A 196 -0.59 -2.05 25.43
C LEU A 196 -0.59 -3.50 25.91
N LEU A 197 0.19 -3.77 26.95
CA LEU A 197 0.33 -5.09 27.53
C LEU A 197 -0.05 -5.05 29.01
N HIS A 198 -0.03 -6.22 29.65
CA HIS A 198 -0.33 -6.30 31.07
C HIS A 198 0.80 -5.74 31.94
N ALA A 199 2.02 -5.68 31.41
CA ALA A 199 3.13 -5.12 32.15
C ALA A 199 2.95 -3.61 32.29
N PRO A 200 3.47 -3.02 33.37
CA PRO A 200 3.39 -1.57 33.54
C PRO A 200 4.19 -0.83 32.47
N ALA A 201 3.70 0.35 32.12
CA ALA A 201 4.33 1.13 31.07
C ALA A 201 5.65 1.73 31.54
N THR A 202 6.55 1.97 30.58
CA THR A 202 7.85 2.56 30.87
C THR A 202 8.04 3.94 30.23
N VAL A 203 7.26 4.28 29.21
CA VAL A 203 7.31 5.60 28.57
C VAL A 203 5.90 6.20 28.55
N CYS A 204 5.73 7.33 29.23
CA CYS A 204 4.46 8.03 29.17
C CYS A 204 4.61 9.48 28.71
N GLY A 205 5.47 10.25 29.37
CA GLY A 205 5.66 11.63 29.02
C GLY A 205 6.08 12.49 30.20
N PRO A 206 6.56 13.71 29.91
CA PRO A 206 7.01 14.61 30.98
C PRO A 206 5.92 15.51 31.52
N LYS A 207 6.28 16.40 32.44
CA LYS A 207 5.33 17.36 33.02
C LYS A 207 6.09 18.61 33.43
N LYS A 208 5.36 19.70 33.60
CA LYS A 208 5.92 21.01 33.93
C LYS A 208 5.63 21.35 35.38
N SER A 209 6.04 22.55 35.78
CA SER A 209 5.87 23.04 37.14
C SER A 209 5.35 24.47 37.08
N THR A 210 5.29 25.13 38.24
CA THR A 210 4.76 26.48 38.35
C THR A 210 5.64 27.26 39.32
N ASN A 211 5.20 28.47 39.66
CA ASN A 211 5.95 29.36 40.54
C ASN A 211 5.64 29.05 42.01
N LEU A 212 6.63 29.30 42.86
CA LEU A 212 6.49 28.99 44.28
C LEU A 212 5.58 29.99 44.97
N VAL A 213 4.78 29.50 45.92
CA VAL A 213 3.91 30.33 46.74
C VAL A 213 4.27 30.06 48.20
N LYS A 214 4.52 31.13 48.96
CA LYS A 214 4.93 31.02 50.35
C LYS A 214 4.07 31.93 51.23
N ASN A 215 3.87 31.49 52.47
CA ASN A 215 3.14 32.26 53.49
C ASN A 215 1.74 32.62 53.04
N LYS A 216 1.06 31.67 52.40
CA LYS A 216 -0.31 31.87 51.94
C LYS A 216 -1.06 30.56 52.02
N CYS A 217 -2.35 30.64 52.37
CA CYS A 217 -3.22 29.47 52.47
C CYS A 217 -3.68 29.09 51.07
N VAL A 218 -2.82 28.37 50.36
CA VAL A 218 -3.08 27.94 48.99
C VAL A 218 -3.05 26.42 48.96
N ASN A 219 -4.10 25.82 48.39
CA ASN A 219 -4.14 24.38 48.23
C ASN A 219 -3.07 23.91 47.26
N PHE A 220 -2.58 22.69 47.48
CA PHE A 220 -1.45 22.16 46.74
C PHE A 220 -1.80 20.79 46.14
N ASN A 221 -0.87 20.28 45.34
CA ASN A 221 -0.97 18.94 44.76
C ASN A 221 0.45 18.46 44.49
N PHE A 222 0.96 17.61 45.37
CA PHE A 222 2.33 17.12 45.28
C PHE A 222 2.29 15.62 45.02
N ASN A 223 2.74 15.21 43.82
CA ASN A 223 2.80 13.82 43.40
C ASN A 223 1.44 13.13 43.52
N GLY A 224 0.38 13.83 43.14
CA GLY A 224 -0.96 13.29 43.19
C GLY A 224 -1.63 13.32 44.54
N LEU A 225 -1.00 13.94 45.54
CA LEU A 225 -1.58 14.05 46.88
C LEU A 225 -2.27 15.40 47.03
N LYS A 226 -3.55 15.37 47.36
CA LYS A 226 -4.36 16.59 47.48
C LYS A 226 -4.47 17.00 48.93
N GLY A 227 -4.29 18.30 49.18
CA GLY A 227 -4.40 18.84 50.53
C GLY A 227 -4.39 20.35 50.50
N THR A 228 -4.70 20.92 51.66
CA THR A 228 -4.74 22.37 51.85
C THR A 228 -3.84 22.75 53.02
N GLY A 229 -3.10 23.84 52.85
CA GLY A 229 -2.21 24.30 53.89
C GLY A 229 -1.36 25.46 53.42
N VAL A 230 -0.38 25.80 54.25
CA VAL A 230 0.55 26.89 53.97
C VAL A 230 1.95 26.30 53.81
N LEU A 231 2.59 26.58 52.68
CA LEU A 231 3.90 26.03 52.37
C LEU A 231 4.97 26.92 53.02
N THR A 232 5.70 26.37 53.98
CA THR A 232 6.73 27.09 54.70
C THR A 232 7.88 26.15 55.01
N GLU A 233 9.11 26.64 54.89
CA GLU A 233 10.28 25.84 55.21
C GLU A 233 10.41 25.66 56.73
N SER A 234 11.24 24.70 57.12
CA SER A 234 11.44 24.38 58.52
C SER A 234 12.85 23.80 58.69
N ASN A 235 13.10 23.20 59.85
CA ASN A 235 14.38 22.58 60.16
C ASN A 235 14.31 21.06 60.17
N LYS A 236 13.31 20.49 59.51
CA LYS A 236 13.10 19.03 59.50
C LYS A 236 13.94 18.41 58.39
N LYS A 237 15.23 18.26 58.68
CA LYS A 237 16.14 17.62 57.73
C LYS A 237 15.83 16.12 57.65
N PHE A 238 15.58 15.64 56.43
CA PHE A 238 15.15 14.27 56.21
C PHE A 238 16.14 13.52 55.31
N LEU A 239 16.07 12.20 55.39
CA LEU A 239 16.91 11.35 54.56
C LEU A 239 16.45 11.40 53.10
N PRO A 240 17.38 11.21 52.14
CA PRO A 240 17.01 11.34 50.72
C PRO A 240 16.16 10.20 50.20
N PHE A 241 15.93 10.19 48.88
CA PHE A 241 15.13 9.19 48.14
C PHE A 241 13.80 8.88 48.83
N GLN A 242 13.16 9.93 49.33
CA GLN A 242 11.81 9.83 49.87
C GLN A 242 10.89 10.78 49.10
N GLN A 243 9.59 10.61 49.30
CA GLN A 243 8.59 11.40 48.61
C GLN A 243 7.88 12.39 49.53
N PHE A 244 7.30 11.91 50.63
CA PHE A 244 6.60 12.80 51.55
C PHE A 244 6.57 12.15 52.94
N GLY A 245 6.33 12.97 53.95
CA GLY A 245 6.21 12.52 55.31
C GLY A 245 4.76 12.39 55.76
N ARG A 246 4.59 11.79 56.93
CA ARG A 246 3.27 11.57 57.51
C ARG A 246 3.36 11.80 59.02
N ASP A 247 2.31 11.42 59.73
CA ASP A 247 2.24 11.60 61.17
C ASP A 247 1.45 10.44 61.77
N ILE A 248 1.03 10.60 63.03
CA ILE A 248 0.28 9.56 63.71
C ILE A 248 -1.10 9.38 63.08
N ALA A 249 -1.77 10.48 62.77
CA ALA A 249 -3.12 10.45 62.22
C ALA A 249 -3.16 10.43 60.70
N ASP A 250 -2.07 9.96 60.05
CA ASP A 250 -1.93 9.75 58.62
C ASP A 250 -1.93 11.06 57.84
N THR A 251 -2.08 12.21 58.50
CA THR A 251 -2.09 13.49 57.80
C THR A 251 -0.68 13.84 57.33
N THR A 252 -0.56 14.25 56.07
CA THR A 252 0.73 14.62 55.51
C THR A 252 1.22 15.92 56.16
N ASP A 253 2.47 15.90 56.63
CA ASP A 253 3.06 17.07 57.26
C ASP A 253 4.29 17.60 56.54
N ALA A 254 4.89 16.83 55.64
CA ALA A 254 6.06 17.27 54.90
C ALA A 254 6.12 16.57 53.57
N VAL A 255 6.60 17.29 52.56
CA VAL A 255 6.77 16.75 51.21
C VAL A 255 7.90 17.50 50.54
N ARG A 256 8.72 16.79 49.77
CA ARG A 256 9.84 17.38 49.05
C ARG A 256 9.59 17.31 47.56
N ASP A 257 9.88 18.41 46.86
CA ASP A 257 9.77 18.41 45.41
C ASP A 257 11.13 18.13 44.78
N PRO A 258 11.17 17.44 43.64
CA PRO A 258 12.46 17.14 43.01
C PRO A 258 12.98 18.28 42.16
N GLN A 259 12.95 19.49 42.71
CA GLN A 259 13.50 20.68 42.07
C GLN A 259 14.55 21.36 42.94
N THR A 260 14.24 21.60 44.21
CA THR A 260 15.18 22.18 45.16
C THR A 260 15.39 21.34 46.41
N LEU A 261 14.54 20.34 46.66
CA LEU A 261 14.60 19.47 47.83
C LEU A 261 14.56 20.28 49.13
N GLU A 262 13.45 20.97 49.32
CA GLU A 262 13.23 21.80 50.49
C GLU A 262 12.35 21.06 51.50
N ILE A 263 11.98 21.76 52.58
CA ILE A 263 11.16 21.13 53.61
C ILE A 263 9.69 21.11 53.20
N LEU A 264 9.11 22.30 52.96
CA LEU A 264 7.75 22.47 52.47
C LEU A 264 6.74 21.84 53.42
N ASP A 265 6.67 22.41 54.62
CA ASP A 265 5.69 21.98 55.62
C ASP A 265 4.28 22.20 55.11
N ILE A 266 3.38 21.27 55.46
CA ILE A 266 2.01 21.34 54.96
C ILE A 266 1.20 22.35 55.75
N THR A 267 1.06 22.14 57.05
CA THR A 267 0.29 23.04 57.89
C THR A 267 1.11 23.53 59.08
N GLU B 1 4.06 -18.59 -26.73
CA GLU B 1 3.56 -19.72 -25.94
C GLU B 1 2.35 -19.31 -25.11
N VAL B 2 1.96 -18.05 -25.23
CA VAL B 2 0.83 -17.49 -24.47
C VAL B 2 -0.37 -17.35 -25.41
N GLN B 3 -1.53 -17.82 -24.93
CA GLN B 3 -2.76 -17.73 -25.70
C GLN B 3 -3.93 -17.59 -24.75
N LEU B 4 -4.86 -16.71 -25.08
CA LEU B 4 -6.04 -16.44 -24.27
C LEU B 4 -7.29 -16.65 -25.11
N VAL B 5 -8.27 -17.37 -24.55
CA VAL B 5 -9.51 -17.69 -25.24
C VAL B 5 -10.65 -16.99 -24.51
N GLU B 6 -11.48 -16.27 -25.27
CA GLU B 6 -12.61 -15.54 -24.73
C GLU B 6 -13.92 -16.13 -25.25
N SER B 7 -14.93 -16.16 -24.40
CA SER B 7 -16.22 -16.73 -24.76
C SER B 7 -17.27 -16.13 -23.84
N GLY B 8 -18.54 -16.41 -24.16
CA GLY B 8 -19.67 -15.94 -23.40
C GLY B 8 -20.30 -14.65 -23.90
N GLY B 9 -19.66 -13.97 -24.85
CA GLY B 9 -20.24 -12.76 -25.39
C GLY B 9 -21.41 -13.02 -26.31
N GLY B 10 -22.24 -11.99 -26.48
CA GLY B 10 -23.39 -12.11 -27.34
C GLY B 10 -24.35 -10.96 -27.10
N LEU B 11 -25.55 -11.10 -27.67
CA LEU B 11 -26.60 -10.09 -27.54
C LEU B 11 -27.46 -10.42 -26.33
N ILE B 12 -27.51 -9.49 -25.38
CA ILE B 12 -28.30 -9.66 -24.15
C ILE B 12 -29.04 -8.37 -23.86
N GLN B 13 -30.12 -8.50 -23.07
CA GLN B 13 -30.89 -7.35 -22.67
C GLN B 13 -30.12 -6.50 -21.67
N PRO B 14 -30.35 -5.18 -21.64
CA PRO B 14 -29.69 -4.33 -20.63
C PRO B 14 -30.03 -4.71 -19.20
N GLY B 15 -31.24 -5.21 -18.96
CA GLY B 15 -31.63 -5.63 -17.62
C GLY B 15 -31.37 -7.09 -17.36
N GLY B 16 -30.23 -7.60 -17.82
CA GLY B 16 -29.89 -8.99 -17.64
C GLY B 16 -28.48 -9.21 -17.13
N SER B 17 -28.00 -10.45 -17.21
CA SER B 17 -26.67 -10.80 -16.76
C SER B 17 -25.96 -11.64 -17.82
N LEU B 18 -24.63 -11.56 -17.83
CA LEU B 18 -23.83 -12.30 -18.79
C LEU B 18 -22.65 -12.93 -18.06
N ARG B 19 -22.13 -14.02 -18.63
CA ARG B 19 -21.00 -14.75 -18.08
C ARG B 19 -19.79 -14.54 -18.97
N LEU B 20 -18.68 -14.11 -18.37
CA LEU B 20 -17.43 -13.89 -19.09
C LEU B 20 -16.39 -14.90 -18.64
N SER B 21 -15.73 -15.53 -19.61
CA SER B 21 -14.71 -16.55 -19.33
C SER B 21 -13.42 -16.16 -20.02
N CYS B 22 -12.32 -16.19 -19.27
CA CYS B 22 -11.00 -15.84 -19.79
C CYS B 22 -10.06 -16.99 -19.43
N ALA B 23 -9.70 -17.79 -20.42
CA ALA B 23 -8.90 -18.99 -20.21
C ALA B 23 -7.44 -18.70 -20.54
N ALA B 24 -6.55 -19.10 -19.63
CA ALA B 24 -5.11 -18.93 -19.82
C ALA B 24 -4.46 -20.31 -20.01
N SER B 25 -3.64 -20.43 -21.05
CA SER B 25 -2.98 -21.70 -21.35
C SER B 25 -1.65 -21.85 -20.60
N GLY B 26 -0.74 -20.91 -20.81
CA GLY B 26 0.56 -20.97 -20.18
C GLY B 26 0.69 -20.04 -18.98
N LEU B 27 -0.43 -19.59 -18.45
CA LEU B 27 -0.45 -18.67 -17.33
C LEU B 27 -1.40 -19.19 -16.25
N THR B 28 -1.09 -18.84 -15.00
CA THR B 28 -1.93 -19.18 -13.86
C THR B 28 -2.62 -17.92 -13.36
N VAL B 29 -3.94 -18.00 -13.17
CA VAL B 29 -4.72 -16.82 -12.83
C VAL B 29 -4.56 -16.38 -11.38
N SER B 30 -3.91 -17.18 -10.54
CA SER B 30 -3.78 -16.86 -9.12
C SER B 30 -2.32 -16.61 -8.73
N SER B 31 -1.50 -16.15 -9.68
CA SER B 31 -0.10 -15.89 -9.40
C SER B 31 0.43 -14.59 -10.00
N ASN B 32 -0.39 -13.83 -10.71
CA ASN B 32 0.08 -12.61 -11.37
C ASN B 32 -1.09 -11.66 -11.55
N TYR B 33 -0.77 -10.41 -11.88
CA TYR B 33 -1.79 -9.38 -12.05
C TYR B 33 -2.64 -9.65 -13.27
N MET B 34 -3.93 -9.31 -13.18
CA MET B 34 -4.88 -9.49 -14.24
C MET B 34 -5.40 -8.14 -14.71
N HIS B 35 -5.50 -7.98 -16.03
CA HIS B 35 -5.89 -6.72 -16.64
C HIS B 35 -7.10 -6.90 -17.54
N TRP B 36 -8.03 -5.95 -17.47
CA TRP B 36 -9.20 -5.91 -18.34
C TRP B 36 -9.23 -4.59 -19.08
N VAL B 37 -9.57 -4.65 -20.37
CA VAL B 37 -9.63 -3.46 -21.21
C VAL B 37 -10.96 -3.45 -21.95
N ARG B 38 -11.42 -2.27 -22.30
CA ARG B 38 -12.66 -2.07 -23.04
C ARG B 38 -12.42 -1.04 -24.14
N GLN B 39 -13.18 -1.16 -25.24
CA GLN B 39 -13.01 -0.27 -26.38
C GLN B 39 -14.35 -0.14 -27.09
N ALA B 40 -15.03 0.98 -26.88
CA ALA B 40 -16.25 1.27 -27.62
C ALA B 40 -15.91 1.56 -29.07
N PRO B 41 -16.79 1.19 -30.01
CA PRO B 41 -16.55 1.48 -31.42
C PRO B 41 -16.51 2.98 -31.68
N GLY B 42 -15.64 3.39 -32.59
CA GLY B 42 -15.48 4.78 -32.94
C GLY B 42 -14.58 5.59 -32.02
N LYS B 43 -13.95 4.96 -31.03
CA LYS B 43 -13.06 5.67 -30.12
C LYS B 43 -11.97 4.70 -29.66
N GLY B 44 -11.20 5.11 -28.65
CA GLY B 44 -10.05 4.36 -28.21
C GLY B 44 -10.36 3.42 -27.07
N LEU B 45 -9.28 2.94 -26.44
CA LEU B 45 -9.37 1.98 -25.35
C LEU B 45 -9.83 2.67 -24.06
N GLU B 46 -10.24 1.84 -23.09
CA GLU B 46 -10.57 2.32 -21.75
C GLU B 46 -10.42 1.16 -20.78
N TRP B 47 -10.25 1.50 -19.51
CA TRP B 47 -10.03 0.52 -18.46
C TRP B 47 -11.27 0.37 -17.59
N VAL B 48 -11.59 -0.88 -17.24
CA VAL B 48 -12.78 -1.19 -16.47
C VAL B 48 -12.44 -1.85 -15.13
N SER B 49 -11.48 -2.77 -15.12
CA SER B 49 -11.17 -3.49 -13.89
C SER B 49 -9.76 -4.08 -13.97
N VAL B 50 -9.14 -4.23 -12.80
CA VAL B 50 -7.85 -4.89 -12.66
C VAL B 50 -7.91 -5.80 -11.44
N LEU B 51 -7.55 -7.06 -11.62
CA LEU B 51 -7.51 -8.04 -10.54
C LEU B 51 -6.07 -8.33 -10.18
N TYR B 52 -5.76 -8.25 -8.89
CA TYR B 52 -4.39 -8.46 -8.42
C TYR B 52 -4.12 -9.95 -8.24
N ALA B 53 -2.90 -10.26 -7.80
CA ALA B 53 -2.53 -11.64 -7.50
C ALA B 53 -3.17 -12.16 -6.22
N GLY B 54 -3.63 -11.25 -5.35
CA GLY B 54 -4.32 -11.64 -4.15
C GLY B 54 -5.81 -11.39 -4.23
N GLY B 55 -6.46 -11.17 -3.09
CA GLY B 55 -7.88 -10.89 -3.07
C GLY B 55 -8.20 -9.41 -3.13
N SER B 56 -7.62 -8.72 -4.11
CA SER B 56 -7.82 -7.28 -4.29
C SER B 56 -8.45 -7.03 -5.66
N ALA B 57 -9.53 -6.25 -5.67
CA ALA B 57 -10.23 -5.91 -6.90
C ALA B 57 -10.40 -4.39 -6.98
N PHE B 58 -10.17 -3.85 -8.17
CA PHE B 58 -10.30 -2.42 -8.40
C PHE B 58 -11.10 -2.16 -9.67
N TYR B 59 -11.83 -1.05 -9.68
CA TYR B 59 -12.65 -0.66 -10.82
C TYR B 59 -12.50 0.83 -11.06
N ALA B 60 -12.94 1.27 -12.25
CA ALA B 60 -12.84 2.66 -12.63
C ALA B 60 -13.94 3.48 -11.96
N ASP B 61 -13.93 4.79 -12.22
CA ASP B 61 -14.90 5.70 -11.59
C ASP B 61 -16.31 5.45 -12.09
N SER B 62 -16.47 5.19 -13.39
CA SER B 62 -17.80 4.96 -13.93
C SER B 62 -18.37 3.59 -13.56
N VAL B 63 -17.52 2.67 -13.11
CA VAL B 63 -17.94 1.29 -12.89
C VAL B 63 -17.59 0.79 -11.50
N LYS B 64 -17.61 1.69 -10.49
CA LYS B 64 -17.33 1.26 -9.13
C LYS B 64 -18.29 0.16 -8.68
N GLY B 65 -19.59 0.34 -8.93
CA GLY B 65 -20.58 -0.66 -8.62
C GLY B 65 -20.82 -1.60 -9.77
N ARG B 66 -21.83 -2.46 -9.59
CA ARG B 66 -22.39 -3.39 -10.59
C ARG B 66 -21.33 -4.24 -11.30
N PHE B 67 -20.17 -4.44 -10.69
CA PHE B 67 -19.11 -5.23 -11.28
C PHE B 67 -18.34 -5.95 -10.18
N THR B 68 -18.15 -7.26 -10.36
CA THR B 68 -17.42 -8.08 -9.41
C THR B 68 -16.60 -9.12 -10.16
N ILE B 69 -15.36 -9.32 -9.73
CA ILE B 69 -14.47 -10.29 -10.33
C ILE B 69 -14.27 -11.45 -9.35
N SER B 70 -14.08 -12.65 -9.89
CA SER B 70 -13.91 -13.84 -9.06
C SER B 70 -13.15 -14.88 -9.88
N ARG B 71 -11.94 -15.23 -9.44
CA ARG B 71 -11.11 -16.21 -10.11
C ARG B 71 -11.26 -17.57 -9.43
N ASN B 72 -11.01 -18.63 -10.21
CA ASN B 72 -11.09 -20.00 -9.73
C ASN B 72 -9.86 -20.77 -10.18
N ASN B 73 -9.32 -21.59 -9.28
CA ASN B 73 -8.14 -22.41 -9.58
C ASN B 73 -8.50 -23.82 -10.02
N SER B 74 -9.79 -24.12 -10.18
CA SER B 74 -10.20 -25.47 -10.57
C SER B 74 -9.81 -25.78 -12.02
N LYS B 75 -10.01 -24.82 -12.92
CA LYS B 75 -9.69 -25.01 -14.33
C LYS B 75 -8.92 -23.84 -14.92
N ASN B 76 -8.36 -22.97 -14.06
CA ASN B 76 -7.54 -21.83 -14.47
C ASN B 76 -8.28 -20.90 -15.42
N THR B 77 -9.57 -20.67 -15.14
CA THR B 77 -10.40 -19.78 -15.94
C THR B 77 -10.98 -18.69 -15.06
N LEU B 78 -10.95 -17.47 -15.57
CA LEU B 78 -11.45 -16.31 -14.83
C LEU B 78 -12.92 -16.06 -15.13
N TYR B 79 -13.67 -15.70 -14.10
CA TYR B 79 -15.10 -15.40 -14.22
C TYR B 79 -15.37 -13.96 -13.80
N LEU B 80 -16.21 -13.28 -14.57
CA LEU B 80 -16.60 -11.91 -14.30
C LEU B 80 -18.09 -11.88 -14.01
N GLN B 81 -18.47 -11.18 -12.94
CA GLN B 81 -19.86 -11.08 -12.52
C GLN B 81 -20.43 -9.73 -12.92
N MET B 82 -21.60 -9.75 -13.56
CA MET B 82 -22.26 -8.54 -14.03
C MET B 82 -23.75 -8.69 -13.81
N ASN B 83 -24.40 -7.59 -13.39
CA ASN B 83 -25.82 -7.61 -13.11
C ASN B 83 -26.56 -6.48 -13.81
N SER B 84 -25.87 -5.36 -14.06
CA SER B 84 -26.48 -4.18 -14.63
C SER B 84 -25.71 -3.73 -15.86
N LEU B 85 -26.42 -3.07 -16.78
CA LEU B 85 -25.84 -2.59 -18.01
C LEU B 85 -26.32 -1.18 -18.30
N ARG B 86 -25.59 -0.48 -19.17
CA ARG B 86 -25.93 0.86 -19.61
C ARG B 86 -26.06 0.87 -21.13
N ALA B 87 -26.42 2.04 -21.67
CA ALA B 87 -26.59 2.16 -23.11
C ALA B 87 -25.25 2.12 -23.83
N GLU B 88 -24.20 2.67 -23.22
CA GLU B 88 -22.88 2.71 -23.83
C GLU B 88 -22.01 1.53 -23.41
N ASP B 89 -22.55 0.57 -22.66
CA ASP B 89 -21.76 -0.54 -22.16
C ASP B 89 -21.36 -1.53 -23.25
N THR B 90 -22.01 -1.50 -24.41
CA THR B 90 -21.62 -2.39 -25.49
C THR B 90 -20.31 -1.93 -26.12
N ALA B 91 -19.36 -2.84 -26.23
CA ALA B 91 -18.00 -2.56 -26.69
C ALA B 91 -17.30 -3.88 -26.96
N ILE B 92 -16.00 -3.82 -27.23
CA ILE B 92 -15.16 -4.99 -27.35
C ILE B 92 -14.20 -5.01 -26.15
N TYR B 93 -13.87 -6.22 -25.69
CA TYR B 93 -13.02 -6.39 -24.53
C TYR B 93 -11.95 -7.42 -24.83
N TYR B 94 -10.80 -7.26 -24.18
CA TYR B 94 -9.66 -8.16 -24.34
C TYR B 94 -9.06 -8.41 -22.95
N CYS B 95 -9.44 -9.51 -22.33
CA CYS B 95 -8.81 -9.88 -21.06
C CYS B 95 -7.36 -10.25 -21.31
N ALA B 96 -6.48 -9.81 -20.42
CA ALA B 96 -5.05 -9.96 -20.66
C ALA B 96 -4.29 -9.98 -19.35
N ARG B 97 -3.04 -10.44 -19.43
CA ARG B 97 -2.12 -10.49 -18.30
C ARG B 97 -0.96 -9.56 -18.56
N GLY B 98 -0.43 -8.97 -17.49
CA GLY B 98 0.71 -8.10 -17.63
C GLY B 98 1.28 -7.75 -16.27
N LEU B 99 2.44 -7.10 -16.31
CA LEU B 99 3.13 -6.65 -15.12
C LEU B 99 2.61 -5.27 -14.70
N GLY B 100 3.31 -4.62 -13.78
CA GLY B 100 2.90 -3.29 -13.37
C GLY B 100 3.22 -2.26 -14.45
N ASP B 101 2.26 -1.36 -14.71
CA ASP B 101 2.40 -0.14 -15.51
C ASP B 101 2.45 -0.50 -16.99
N TYR B 102 2.55 -1.79 -17.32
CA TYR B 102 2.53 -2.20 -18.71
C TYR B 102 2.13 -3.67 -18.80
N LEU B 103 1.43 -4.01 -19.87
CA LEU B 103 1.01 -5.38 -20.13
C LEU B 103 1.45 -5.77 -21.54
N ASP B 104 1.86 -7.03 -21.68
CA ASP B 104 2.35 -7.55 -22.95
C ASP B 104 1.47 -8.63 -23.56
N SER B 105 0.88 -9.49 -22.75
CA SER B 105 -0.01 -10.52 -23.26
C SER B 105 -1.33 -9.90 -23.69
N TRP B 106 -1.99 -10.56 -24.65
CA TRP B 106 -3.28 -10.09 -25.16
C TRP B 106 -4.09 -11.30 -25.60
N GLY B 107 -5.41 -11.09 -25.70
CA GLY B 107 -6.30 -12.17 -26.09
C GLY B 107 -7.20 -11.81 -27.27
N GLN B 108 -8.17 -12.66 -27.56
CA GLN B 108 -9.10 -12.43 -28.66
C GLN B 108 -10.24 -11.53 -28.20
N GLY B 109 -11.15 -11.23 -29.12
CA GLY B 109 -12.27 -10.35 -28.82
C GLY B 109 -13.62 -10.92 -29.22
N THR B 110 -14.55 -10.95 -28.26
CA THR B 110 -15.92 -11.40 -28.51
C THR B 110 -16.85 -10.20 -28.34
N LEU B 111 -17.64 -9.92 -29.37
CA LEU B 111 -18.51 -8.75 -29.36
C LEU B 111 -19.70 -8.97 -28.43
N VAL B 112 -20.13 -7.89 -27.79
CA VAL B 112 -21.31 -7.87 -26.94
C VAL B 112 -22.18 -6.70 -27.34
N THR B 113 -23.49 -6.91 -27.43
CA THR B 113 -24.43 -5.90 -27.86
C THR B 113 -25.62 -5.87 -26.90
N VAL B 114 -26.03 -4.67 -26.51
CA VAL B 114 -27.19 -4.48 -25.64
C VAL B 114 -28.20 -3.61 -26.37
N SER B 115 -29.45 -4.07 -26.41
CA SER B 115 -30.52 -3.34 -27.07
C SER B 115 -31.85 -3.83 -26.54
N SER B 116 -32.88 -3.00 -26.71
CA SER B 116 -34.24 -3.36 -26.32
C SER B 116 -35.00 -4.08 -27.42
N ALA B 117 -34.45 -4.14 -28.63
CA ALA B 117 -35.08 -4.80 -29.76
C ALA B 117 -34.54 -6.21 -29.91
N SER B 118 -34.88 -6.88 -31.02
CA SER B 118 -34.43 -8.23 -31.29
C SER B 118 -34.06 -8.31 -32.77
N THR B 119 -33.87 -9.53 -33.25
CA THR B 119 -33.50 -9.74 -34.65
C THR B 119 -34.67 -9.42 -35.57
N LYS B 120 -34.38 -8.70 -36.66
CA LYS B 120 -35.40 -8.32 -37.62
C LYS B 120 -34.83 -8.44 -39.03
N GLY B 121 -35.67 -8.86 -39.97
CA GLY B 121 -35.26 -9.01 -41.35
C GLY B 121 -34.94 -7.69 -42.00
N PRO B 122 -33.99 -7.69 -42.93
CA PRO B 122 -33.56 -6.46 -43.59
C PRO B 122 -34.52 -6.09 -44.72
N SER B 123 -34.26 -4.93 -45.32
CA SER B 123 -35.08 -4.44 -46.43
C SER B 123 -34.14 -3.71 -47.39
N VAL B 124 -33.83 -4.34 -48.52
CA VAL B 124 -32.92 -3.75 -49.49
C VAL B 124 -33.66 -2.66 -50.26
N PHE B 125 -33.09 -1.45 -50.27
CA PHE B 125 -33.68 -0.31 -50.95
C PHE B 125 -32.91 -0.01 -52.22
N PRO B 126 -33.51 -0.17 -53.40
CA PRO B 126 -32.78 0.11 -54.64
C PRO B 126 -32.52 1.60 -54.82
N LEU B 127 -31.46 1.91 -55.57
CA LEU B 127 -31.08 3.27 -55.88
C LEU B 127 -31.17 3.49 -57.39
N ALA B 128 -31.79 4.58 -57.80
CA ALA B 128 -31.95 4.90 -59.21
C ALA B 128 -30.83 5.83 -59.64
N PRO B 129 -29.94 5.40 -60.55
CA PRO B 129 -28.86 6.29 -61.00
C PRO B 129 -29.39 7.44 -61.83
N SER B 130 -28.65 8.55 -61.80
CA SER B 130 -29.04 9.72 -62.57
C SER B 130 -28.81 9.48 -64.06
N SER B 131 -29.79 9.88 -64.87
CA SER B 131 -29.70 9.71 -66.31
C SER B 131 -28.82 10.79 -66.94
N THR B 138 -18.90 9.07 -65.75
CA THR B 138 -19.00 7.89 -64.90
C THR B 138 -20.36 7.82 -64.24
N ALA B 139 -20.61 6.72 -63.53
CA ALA B 139 -21.88 6.52 -62.83
C ALA B 139 -21.63 5.68 -61.59
N ALA B 140 -22.58 5.77 -60.64
CA ALA B 140 -22.50 5.03 -59.39
C ALA B 140 -23.76 4.18 -59.23
N LEU B 141 -23.56 2.95 -58.74
CA LEU B 141 -24.63 2.01 -58.55
C LEU B 141 -24.43 1.32 -57.20
N GLY B 142 -25.53 1.04 -56.50
CA GLY B 142 -25.43 0.39 -55.20
C GLY B 142 -26.79 0.13 -54.62
N CYS B 143 -26.77 -0.30 -53.35
CA CYS B 143 -27.98 -0.64 -52.62
C CYS B 143 -27.96 0.02 -51.26
N LEU B 144 -29.15 0.20 -50.69
CA LEU B 144 -29.32 0.75 -49.35
C LEU B 144 -29.92 -0.32 -48.45
N VAL B 145 -29.27 -0.58 -47.31
CA VAL B 145 -29.72 -1.58 -46.35
C VAL B 145 -30.25 -0.84 -45.13
N LYS B 146 -31.50 -1.12 -44.76
CA LYS B 146 -32.15 -0.44 -43.66
C LYS B 146 -32.86 -1.45 -42.78
N ASP B 147 -32.78 -1.23 -41.46
CA ASP B 147 -33.47 -2.04 -40.45
C ASP B 147 -33.07 -3.51 -40.53
N TYR B 148 -31.79 -3.76 -40.28
CA TYR B 148 -31.25 -5.11 -40.24
C TYR B 148 -30.64 -5.39 -38.88
N PHE B 149 -30.92 -6.58 -38.34
CA PHE B 149 -30.42 -7.00 -37.04
C PHE B 149 -30.09 -8.49 -37.10
N PRO B 150 -29.01 -8.91 -36.43
CA PRO B 150 -28.01 -8.13 -35.71
C PRO B 150 -26.70 -8.00 -36.51
N GLU B 151 -25.68 -7.40 -35.92
CA GLU B 151 -24.38 -7.31 -36.57
C GLU B 151 -23.71 -8.69 -36.59
N PRO B 152 -22.95 -9.00 -37.65
CA PRO B 152 -22.68 -8.19 -38.85
C PRO B 152 -23.51 -8.65 -40.06
N VAL B 153 -23.35 -7.97 -41.19
CA VAL B 153 -24.03 -8.33 -42.42
C VAL B 153 -23.02 -8.28 -43.56
N THR B 154 -23.31 -9.02 -44.63
CA THR B 154 -22.45 -9.08 -45.79
C THR B 154 -23.25 -8.79 -47.05
N VAL B 155 -22.59 -8.24 -48.06
CA VAL B 155 -23.21 -7.89 -49.33
C VAL B 155 -22.34 -8.45 -50.46
N SER B 156 -22.98 -9.04 -51.46
CA SER B 156 -22.29 -9.62 -52.60
C SER B 156 -22.87 -9.06 -53.89
N TRP B 157 -22.01 -8.84 -54.88
CA TRP B 157 -22.41 -8.32 -56.18
C TRP B 157 -22.20 -9.42 -57.22
N ASN B 158 -23.28 -9.76 -57.94
CA ASN B 158 -23.27 -10.81 -58.97
C ASN B 158 -22.77 -12.14 -58.41
N SER B 159 -23.20 -12.46 -57.18
CA SER B 159 -22.80 -13.66 -56.46
C SER B 159 -21.28 -13.76 -56.33
N GLY B 160 -20.64 -12.62 -56.04
CA GLY B 160 -19.20 -12.56 -55.86
C GLY B 160 -18.39 -12.41 -57.13
N ALA B 161 -19.04 -12.35 -58.30
CA ALA B 161 -18.29 -12.19 -59.54
C ALA B 161 -17.68 -10.80 -59.67
N LEU B 162 -18.41 -9.79 -59.21
CA LEU B 162 -17.93 -8.40 -59.28
C LEU B 162 -17.14 -8.07 -58.02
N THR B 163 -15.88 -7.69 -58.20
CA THR B 163 -15.00 -7.36 -57.10
C THR B 163 -14.28 -6.02 -57.26
N SER B 164 -14.44 -5.36 -58.41
CA SER B 164 -13.78 -4.09 -58.68
C SER B 164 -14.71 -2.94 -58.34
N GLY B 165 -14.20 -1.98 -57.58
CA GLY B 165 -14.99 -0.81 -57.21
C GLY B 165 -15.93 -1.02 -56.05
N VAL B 166 -15.81 -2.12 -55.32
CA VAL B 166 -16.69 -2.40 -54.19
C VAL B 166 -16.30 -1.52 -53.01
N HIS B 167 -17.27 -0.79 -52.47
CA HIS B 167 -17.07 0.11 -51.33
C HIS B 167 -18.10 -0.25 -50.27
N THR B 168 -17.74 -1.15 -49.37
CA THR B 168 -18.63 -1.58 -48.29
C THR B 168 -18.42 -0.66 -47.10
N PHE B 169 -19.37 0.25 -46.89
CA PHE B 169 -19.28 1.19 -45.79
C PHE B 169 -19.59 0.48 -44.47
N PRO B 170 -18.96 0.88 -43.37
CA PRO B 170 -19.23 0.26 -42.08
C PRO B 170 -20.61 0.65 -41.55
N ALA B 171 -21.10 -0.17 -40.62
CA ALA B 171 -22.41 0.07 -40.02
C ALA B 171 -22.39 1.31 -39.16
N VAL B 172 -23.52 2.03 -39.15
CA VAL B 172 -23.69 3.24 -38.37
C VAL B 172 -24.99 3.13 -37.58
N LEU B 173 -24.97 3.64 -36.34
CA LEU B 173 -26.13 3.59 -35.48
C LEU B 173 -26.91 4.89 -35.55
N GLN B 174 -28.22 4.79 -35.70
CA GLN B 174 -29.09 5.95 -35.79
C GLN B 174 -29.60 6.34 -34.40
N SER B 175 -30.43 7.38 -34.36
CA SER B 175 -30.97 7.86 -33.09
C SER B 175 -32.04 6.95 -32.53
N SER B 176 -32.62 6.08 -33.35
CA SER B 176 -33.66 5.15 -32.91
C SER B 176 -33.10 3.81 -32.48
N GLY B 177 -31.78 3.64 -32.48
CA GLY B 177 -31.17 2.37 -32.13
C GLY B 177 -31.37 1.27 -33.15
N LEU B 178 -31.30 1.61 -34.44
CA LEU B 178 -31.36 0.61 -35.51
C LEU B 178 -30.14 0.78 -36.41
N TYR B 179 -29.85 -0.27 -37.17
CA TYR B 179 -28.65 -0.34 -38.00
C TYR B 179 -28.99 -0.02 -39.45
N SER B 180 -28.17 0.83 -40.07
CA SER B 180 -28.31 1.17 -41.48
C SER B 180 -26.94 1.08 -42.15
N LEU B 181 -26.91 0.49 -43.35
CA LEU B 181 -25.67 0.30 -44.07
C LEU B 181 -25.88 0.64 -45.54
N SER B 182 -24.83 1.14 -46.18
CA SER B 182 -24.84 1.45 -47.60
C SER B 182 -23.61 0.83 -48.26
N SER B 183 -23.77 0.46 -49.53
CA SER B 183 -22.68 -0.14 -50.29
C SER B 183 -22.91 0.17 -51.77
N VAL B 184 -21.93 0.79 -52.41
CA VAL B 184 -22.06 1.20 -53.80
C VAL B 184 -20.84 0.74 -54.59
N VAL B 185 -21.02 0.61 -55.91
CA VAL B 185 -19.97 0.22 -56.84
C VAL B 185 -19.98 1.19 -58.01
N THR B 186 -18.88 1.19 -58.76
CA THR B 186 -18.73 2.06 -59.92
C THR B 186 -19.06 1.29 -61.19
N VAL B 187 -19.93 1.87 -62.02
CA VAL B 187 -20.34 1.24 -63.27
C VAL B 187 -20.19 2.25 -64.40
N PRO B 188 -19.92 1.81 -65.63
CA PRO B 188 -19.85 2.74 -66.76
C PRO B 188 -21.21 2.94 -67.41
N SER B 189 -21.29 4.03 -68.20
CA SER B 189 -22.54 4.35 -68.87
C SER B 189 -22.79 3.44 -70.07
N SER B 190 -21.74 2.86 -70.65
CA SER B 190 -21.88 1.99 -71.80
C SER B 190 -22.31 0.58 -71.44
N SER B 191 -22.29 0.21 -70.17
CA SER B 191 -22.66 -1.13 -69.73
C SER B 191 -23.94 -1.14 -68.90
N LEU B 192 -24.78 -0.11 -69.06
CA LEU B 192 -26.04 -0.07 -68.31
C LEU B 192 -27.02 -1.12 -68.82
N GLY B 193 -27.13 -1.28 -70.13
CA GLY B 193 -28.03 -2.26 -70.70
C GLY B 193 -27.33 -3.51 -71.19
N THR B 194 -26.08 -3.70 -70.78
CA THR B 194 -25.27 -4.83 -71.21
C THR B 194 -25.31 -5.98 -70.21
N GLN B 195 -24.97 -5.71 -68.95
CA GLN B 195 -24.95 -6.72 -67.91
C GLN B 195 -25.85 -6.30 -66.76
N THR B 196 -26.47 -7.29 -66.12
CA THR B 196 -27.37 -7.07 -65.00
C THR B 196 -26.70 -7.51 -63.71
N TYR B 197 -26.74 -6.66 -62.70
CA TYR B 197 -26.14 -6.93 -61.40
C TYR B 197 -27.25 -7.25 -60.40
N ILE B 198 -27.09 -8.35 -59.67
CA ILE B 198 -28.04 -8.75 -58.63
C ILE B 198 -27.51 -8.28 -57.28
N CYS B 199 -28.42 -7.82 -56.42
CA CYS B 199 -28.06 -7.27 -55.12
C CYS B 199 -28.47 -8.27 -54.05
N ASN B 200 -27.48 -8.88 -53.39
CA ASN B 200 -27.70 -9.92 -52.40
C ASN B 200 -27.27 -9.43 -51.04
N VAL B 201 -28.20 -9.43 -50.09
CA VAL B 201 -27.93 -9.08 -48.70
C VAL B 201 -28.53 -10.17 -47.82
N ASN B 202 -27.69 -10.79 -46.99
CA ASN B 202 -28.15 -11.87 -46.13
C ASN B 202 -27.21 -12.00 -44.94
N HIS B 203 -27.72 -12.63 -43.88
CA HIS B 203 -26.91 -12.92 -42.70
C HIS B 203 -27.47 -14.15 -42.01
N LYS B 204 -26.60 -14.81 -41.24
CA LYS B 204 -26.95 -16.09 -40.62
C LYS B 204 -28.08 -16.01 -39.60
N PRO B 205 -28.11 -15.09 -38.62
CA PRO B 205 -29.17 -15.15 -37.60
C PRO B 205 -30.59 -14.96 -38.15
N SER B 206 -30.77 -14.16 -39.19
CA SER B 206 -32.10 -13.94 -39.75
C SER B 206 -32.42 -14.86 -40.92
N ASN B 207 -31.41 -15.54 -41.48
CA ASN B 207 -31.48 -16.47 -42.62
C ASN B 207 -32.42 -16.00 -43.73
N THR B 208 -32.40 -14.71 -44.06
CA THR B 208 -33.24 -14.17 -45.11
C THR B 208 -32.57 -14.35 -46.47
N LYS B 209 -33.37 -14.69 -47.47
CA LYS B 209 -32.90 -14.89 -48.84
C LYS B 209 -33.67 -13.93 -49.74
N VAL B 210 -33.07 -12.78 -50.05
CA VAL B 210 -33.71 -11.76 -50.88
C VAL B 210 -32.78 -11.43 -52.05
N ASP B 211 -33.36 -11.31 -53.23
CA ASP B 211 -32.62 -10.95 -54.44
C ASP B 211 -33.28 -9.73 -55.06
N LYS B 212 -32.47 -8.72 -55.38
CA LYS B 212 -32.97 -7.47 -55.93
C LYS B 212 -32.15 -7.07 -57.14
N LYS B 213 -32.82 -6.68 -58.22
CA LYS B 213 -32.17 -6.17 -59.42
C LYS B 213 -32.38 -4.68 -59.52
N VAL B 214 -31.42 -3.99 -60.13
CA VAL B 214 -31.42 -2.54 -60.23
C VAL B 214 -31.44 -2.15 -61.71
N GLU B 215 -32.26 -1.15 -62.03
CA GLU B 215 -32.40 -0.64 -63.39
C GLU B 215 -32.39 0.87 -63.36
N PRO B 216 -31.73 1.53 -64.32
CA PRO B 216 -31.79 2.99 -64.40
C PRO B 216 -33.20 3.48 -64.66
N LYS B 217 -33.51 4.65 -64.10
CA LYS B 217 -34.86 5.20 -64.20
C LYS B 217 -35.16 5.64 -65.63
N SER B 218 -36.40 5.39 -66.05
CA SER B 218 -36.88 5.80 -67.37
C SER B 218 -37.89 6.93 -67.32
N CYS B 219 -38.81 6.91 -66.35
CA CYS B 219 -39.81 7.96 -66.22
C CYS B 219 -39.76 8.56 -64.82
N ASP B 220 -39.47 7.73 -63.82
CA ASP B 220 -39.39 8.19 -62.43
C ASP B 220 -37.96 8.09 -61.91
N ASP C 1 -9.13 11.58 -12.10
CA ASP C 1 -8.14 12.51 -11.57
C ASP C 1 -7.20 12.99 -12.68
N ILE C 2 -6.38 12.08 -13.17
CA ILE C 2 -5.40 12.39 -14.21
C ILE C 2 -6.09 12.27 -15.57
N GLN C 3 -5.82 13.24 -16.45
CA GLN C 3 -6.35 13.25 -17.81
C GLN C 3 -5.20 13.35 -18.79
N MET C 4 -5.21 12.49 -19.80
CA MET C 4 -4.15 12.43 -20.80
C MET C 4 -4.70 12.77 -22.18
N THR C 5 -4.01 13.65 -22.89
CA THR C 5 -4.43 14.09 -24.22
C THR C 5 -3.30 13.87 -25.21
N GLN C 6 -3.68 13.62 -26.46
CA GLN C 6 -2.73 13.41 -27.55
C GLN C 6 -2.89 14.54 -28.56
N SER C 7 -1.82 15.31 -28.77
CA SER C 7 -1.88 16.40 -29.74
C SER C 7 -2.08 15.94 -31.17
N PRO C 8 -1.35 14.96 -31.72
CA PRO C 8 -1.62 14.54 -33.10
C PRO C 8 -2.90 13.69 -33.19
N SER C 9 -3.63 13.89 -34.28
CA SER C 9 -4.84 13.13 -34.56
C SER C 9 -4.74 12.33 -35.84
N SER C 10 -4.26 12.93 -36.93
CA SER C 10 -4.07 12.22 -38.19
C SER C 10 -2.90 12.85 -38.91
N VAL C 11 -1.78 12.11 -39.00
CA VAL C 11 -0.57 12.59 -39.64
C VAL C 11 -0.31 11.75 -40.88
N SER C 12 0.07 12.40 -41.97
CA SER C 12 0.32 11.76 -43.25
C SER C 12 1.81 11.79 -43.54
N ALA C 13 2.40 10.63 -43.79
CA ALA C 13 3.83 10.53 -44.05
C ALA C 13 4.10 9.34 -44.96
N SER C 14 5.25 9.39 -45.63
CA SER C 14 5.69 8.32 -46.52
C SER C 14 6.56 7.34 -45.74
N VAL C 15 7.20 6.40 -46.45
CA VAL C 15 8.06 5.44 -45.80
C VAL C 15 9.33 6.11 -45.27
N GLY C 16 9.84 7.12 -45.97
CA GLY C 16 11.01 7.84 -45.52
C GLY C 16 10.69 9.09 -44.75
N ASP C 17 10.01 8.94 -43.61
CA ASP C 17 9.59 10.09 -42.82
C ASP C 17 9.42 9.65 -41.38
N ARG C 18 9.34 10.63 -40.49
CA ARG C 18 9.17 10.41 -39.06
C ARG C 18 7.75 10.81 -38.65
N VAL C 19 7.06 9.91 -37.95
CA VAL C 19 5.69 10.20 -37.52
C VAL C 19 5.65 11.29 -36.47
N THR C 20 6.67 11.37 -35.61
CA THR C 20 6.78 12.36 -34.54
C THR C 20 5.54 12.39 -33.64
N ILE C 21 5.05 11.21 -33.30
CA ILE C 21 3.86 11.08 -32.45
C ILE C 21 4.25 11.38 -31.00
N THR C 22 3.52 12.29 -30.37
CA THR C 22 3.79 12.69 -29.00
C THR C 22 2.51 12.59 -28.18
N CYS C 23 2.68 12.40 -26.87
CA CYS C 23 1.58 12.35 -25.92
C CYS C 23 1.76 13.46 -24.90
N ARG C 24 0.74 14.30 -24.76
CA ARG C 24 0.79 15.43 -23.85
C ARG C 24 0.38 14.99 -22.44
N ALA C 25 1.18 15.37 -21.45
CA ALA C 25 0.93 15.02 -20.06
C ALA C 25 0.60 16.28 -19.27
N SER C 26 -0.55 16.27 -18.59
CA SER C 26 -0.94 17.41 -17.78
C SER C 26 -0.09 17.52 -16.52
N GLN C 27 0.23 16.39 -15.90
CA GLN C 27 1.05 16.33 -14.71
C GLN C 27 2.44 15.80 -15.05
N GLY C 28 3.32 15.79 -14.06
CA GLY C 28 4.68 15.34 -14.26
C GLY C 28 4.88 13.86 -14.06
N ILE C 29 4.89 13.10 -15.15
CA ILE C 29 5.16 11.67 -15.13
C ILE C 29 6.25 11.38 -16.16
N GLY C 30 7.36 10.83 -15.70
CA GLY C 30 8.49 10.56 -16.58
C GLY C 30 8.96 9.13 -16.48
N SER C 31 9.32 8.57 -17.64
CA SER C 31 9.86 7.20 -17.76
C SER C 31 8.88 6.15 -17.25
N TRP C 32 7.58 6.42 -17.35
CA TRP C 32 6.55 5.47 -16.95
C TRP C 32 5.43 5.45 -17.96
N LEU C 33 5.78 5.46 -19.24
CA LEU C 33 4.81 5.48 -20.33
C LEU C 33 5.04 4.30 -21.26
N ALA C 34 3.95 3.70 -21.75
CA ALA C 34 4.02 2.59 -22.68
C ALA C 34 3.15 2.90 -23.89
N TRP C 35 3.60 2.44 -25.06
CA TRP C 35 2.90 2.67 -26.31
C TRP C 35 2.38 1.35 -26.86
N TYR C 36 1.14 1.37 -27.36
CA TYR C 36 0.47 0.18 -27.85
C TYR C 36 -0.04 0.41 -29.26
N GLN C 37 0.01 -0.65 -30.07
CA GLN C 37 -0.43 -0.60 -31.46
C GLN C 37 -1.44 -1.70 -31.70
N GLN C 38 -2.58 -1.35 -32.27
CA GLN C 38 -3.62 -2.30 -32.62
C GLN C 38 -3.98 -2.16 -34.09
N LYS C 39 -4.25 -3.28 -34.74
CA LYS C 39 -4.66 -3.30 -36.13
C LYS C 39 -6.18 -3.31 -36.21
N PRO C 40 -6.76 -2.83 -37.33
CA PRO C 40 -8.21 -2.90 -37.50
C PRO C 40 -8.71 -4.34 -37.56
N GLY C 41 -9.48 -4.74 -36.54
CA GLY C 41 -9.96 -6.09 -36.43
C GLY C 41 -9.01 -7.07 -35.78
N LYS C 42 -7.90 -6.60 -35.23
CA LYS C 42 -6.91 -7.46 -34.59
C LYS C 42 -6.62 -6.96 -33.19
N ALA C 43 -6.09 -7.87 -32.36
CA ALA C 43 -5.78 -7.55 -30.98
C ALA C 43 -4.58 -6.60 -30.89
N PRO C 44 -4.54 -5.74 -29.88
CA PRO C 44 -3.39 -4.85 -29.71
C PRO C 44 -2.15 -5.62 -29.28
N GLN C 45 -0.99 -4.98 -29.48
CA GLN C 45 0.28 -5.55 -29.07
C GLN C 45 1.14 -4.47 -28.43
N LEU C 46 1.95 -4.88 -27.47
CA LEU C 46 2.87 -3.96 -26.81
C LEU C 46 4.03 -3.62 -27.73
N LEU C 47 4.46 -2.36 -27.70
CA LEU C 47 5.60 -1.90 -28.47
C LEU C 47 6.80 -1.56 -27.59
N ILE C 48 6.64 -0.65 -26.63
CA ILE C 48 7.69 -0.28 -25.71
C ILE C 48 7.10 -0.16 -24.31
N TYR C 49 7.96 -0.30 -23.31
CA TYR C 49 7.56 -0.12 -21.91
C TYR C 49 8.58 0.77 -21.21
N ALA C 50 8.07 1.55 -20.26
CA ALA C 50 8.84 2.54 -19.48
C ALA C 50 9.47 3.62 -20.36
N ALA C 51 8.98 3.77 -21.59
CA ALA C 51 9.32 4.86 -22.52
C ALA C 51 10.79 4.89 -22.93
N SER C 52 11.58 3.92 -22.49
CA SER C 52 12.99 3.87 -22.85
C SER C 52 13.43 2.51 -23.38
N THR C 53 12.88 1.43 -22.85
CA THR C 53 13.29 0.08 -23.23
C THR C 53 12.55 -0.38 -24.47
N LEU C 54 13.06 -1.44 -25.08
CA LEU C 54 12.47 -2.05 -26.27
C LEU C 54 12.20 -3.53 -26.02
N GLN C 55 11.04 -3.99 -26.48
CA GLN C 55 10.69 -5.39 -26.33
C GLN C 55 11.51 -6.26 -27.28
N SER C 56 11.74 -7.51 -26.87
CA SER C 56 12.54 -8.42 -27.67
C SER C 56 11.83 -8.76 -28.98
N GLY C 57 10.52 -9.01 -28.94
CA GLY C 57 9.79 -9.33 -30.15
C GLY C 57 9.55 -8.14 -31.04
N VAL C 58 9.55 -6.93 -30.49
CA VAL C 58 9.35 -5.72 -31.28
C VAL C 58 10.65 -5.40 -32.03
N PRO C 59 10.58 -5.13 -33.34
CA PRO C 59 11.79 -4.77 -34.07
C PRO C 59 12.34 -3.45 -33.57
N PRO C 60 13.65 -3.25 -33.65
CA PRO C 60 14.27 -2.04 -33.10
C PRO C 60 14.08 -0.79 -33.93
N ARG C 61 13.19 -0.79 -34.93
CA ARG C 61 12.92 0.41 -35.69
C ARG C 61 12.15 1.45 -34.88
N PHE C 62 11.50 1.04 -33.80
CA PHE C 62 10.75 1.95 -32.95
C PHE C 62 11.68 2.56 -31.90
N SER C 63 11.56 3.87 -31.70
CA SER C 63 12.38 4.59 -30.73
C SER C 63 11.50 5.52 -29.91
N GLY C 64 11.84 5.67 -28.64
CA GLY C 64 11.11 6.55 -27.75
C GLY C 64 11.95 7.07 -26.60
N SER C 65 11.73 8.33 -26.22
CA SER C 65 12.49 8.94 -25.14
C SER C 65 11.68 10.08 -24.54
N GLY C 66 11.88 10.31 -23.24
CA GLY C 66 11.23 11.40 -22.55
C GLY C 66 11.69 11.53 -21.11
N SER C 67 12.05 12.74 -20.68
CA SER C 67 12.61 12.90 -19.34
C SER C 67 11.52 13.01 -18.28
N GLY C 68 10.74 14.11 -18.31
CA GLY C 68 9.74 14.29 -17.29
C GLY C 68 8.32 14.58 -17.72
N THR C 69 8.13 15.20 -18.89
CA THR C 69 6.79 15.64 -19.28
C THR C 69 6.43 15.36 -20.74
N ASP C 70 7.38 15.20 -21.64
CA ASP C 70 7.09 15.02 -23.06
C ASP C 70 7.75 13.75 -23.56
N PHE C 71 7.00 12.98 -24.37
CA PHE C 71 7.48 11.73 -24.92
C PHE C 71 7.31 11.75 -26.43
N THR C 72 8.11 10.93 -27.12
CA THR C 72 8.10 10.85 -28.57
C THR C 72 8.10 9.39 -29.00
N LEU C 73 7.66 9.16 -30.23
CA LEU C 73 7.59 7.84 -30.83
C LEU C 73 8.18 7.87 -32.24
N THR C 74 9.36 8.47 -32.37
CA THR C 74 10.03 8.54 -33.67
C THR C 74 10.43 7.14 -34.13
N ILE C 75 10.20 6.86 -35.41
CA ILE C 75 10.46 5.57 -36.00
C ILE C 75 11.49 5.74 -37.11
N THR C 76 12.55 4.92 -37.07
CA THR C 76 13.63 5.05 -38.04
C THR C 76 13.18 4.73 -39.45
N SER C 77 12.38 3.67 -39.61
CA SER C 77 11.90 3.26 -40.93
C SER C 77 10.43 2.87 -40.83
N LEU C 78 9.60 3.43 -41.71
CA LEU C 78 8.18 3.14 -41.75
C LEU C 78 7.90 2.09 -42.81
N GLN C 79 7.14 1.06 -42.44
CA GLN C 79 6.77 -0.03 -43.32
C GLN C 79 5.28 0.02 -43.65
N PRO C 80 4.88 -0.48 -44.81
CA PRO C 80 3.44 -0.54 -45.13
C PRO C 80 2.64 -1.40 -44.15
N GLU C 81 3.25 -2.46 -43.61
CA GLU C 81 2.57 -3.27 -42.61
C GLU C 81 2.44 -2.53 -41.28
N ASP C 82 3.39 -1.66 -40.96
CA ASP C 82 3.37 -0.91 -39.71
C ASP C 82 2.65 0.42 -39.93
N PHE C 83 1.33 0.32 -40.07
CA PHE C 83 0.46 1.49 -40.23
C PHE C 83 -0.78 1.24 -39.38
N ALA C 84 -0.77 1.75 -38.16
CA ALA C 84 -1.85 1.49 -37.21
C ALA C 84 -1.86 2.61 -36.17
N SER C 85 -2.88 2.59 -35.33
CA SER C 85 -3.05 3.60 -34.29
C SER C 85 -2.08 3.35 -33.14
N TYR C 86 -1.72 4.43 -32.45
CA TYR C 86 -0.82 4.37 -31.30
C TYR C 86 -1.47 5.07 -30.12
N TYR C 87 -1.32 4.48 -28.94
CA TYR C 87 -1.92 4.99 -27.71
C TYR C 87 -0.85 5.09 -26.63
N CYS C 88 -0.88 6.19 -25.88
CA CYS C 88 0.01 6.38 -24.73
C CYS C 88 -0.74 5.99 -23.46
N GLN C 89 -0.13 5.10 -22.67
CA GLN C 89 -0.75 4.55 -21.48
C GLN C 89 0.07 4.92 -20.25
N GLN C 90 -0.61 5.47 -19.23
CA GLN C 90 0.01 5.81 -17.96
C GLN C 90 -0.80 5.19 -16.84
N ALA C 91 -0.13 4.51 -15.92
CA ALA C 91 -0.78 3.84 -14.80
C ALA C 91 -0.69 4.69 -13.54
N ASN C 92 -1.46 4.29 -12.54
CA ASN C 92 -1.51 4.97 -11.25
C ASN C 92 -0.85 4.10 -10.19
N SER C 93 -0.85 4.59 -8.95
CA SER C 93 -0.30 3.84 -7.84
C SER C 93 -1.13 2.61 -7.49
N VAL C 94 -2.40 2.61 -7.84
CA VAL C 94 -3.27 1.45 -7.62
C VAL C 94 -3.47 0.65 -8.91
N LEU C 95 -2.52 0.77 -9.85
CA LEU C 95 -2.59 0.11 -11.16
C LEU C 95 -3.87 0.47 -11.91
N ALA C 96 -4.25 1.75 -11.86
CA ALA C 96 -5.42 2.24 -12.57
C ALA C 96 -4.99 2.68 -13.97
N LEU C 97 -5.28 1.83 -14.96
CA LEU C 97 -4.88 2.12 -16.33
C LEU C 97 -5.70 3.26 -16.90
N THR C 98 -5.05 4.07 -17.74
CA THR C 98 -5.71 5.19 -18.40
C THR C 98 -5.33 5.18 -19.88
N PHE C 99 -6.33 5.25 -20.74
CA PHE C 99 -6.14 5.26 -22.19
C PHE C 99 -6.80 6.49 -22.79
N GLY C 100 -6.07 7.21 -23.62
CA GLY C 100 -6.54 8.41 -24.26
C GLY C 100 -6.92 8.19 -25.71
N GLY C 101 -6.78 9.24 -26.51
CA GLY C 101 -7.11 9.17 -27.92
C GLY C 101 -6.03 8.46 -28.72
N GLY C 102 -6.36 8.20 -29.99
CA GLY C 102 -5.46 7.51 -30.90
C GLY C 102 -5.17 8.34 -32.12
N THR C 103 -3.99 8.12 -32.69
CA THR C 103 -3.53 8.83 -33.89
C THR C 103 -3.31 7.82 -35.01
N LYS C 104 -3.91 8.07 -36.16
CA LYS C 104 -3.79 7.20 -37.32
C LYS C 104 -2.81 7.80 -38.32
N VAL C 105 -1.92 6.96 -38.84
CA VAL C 105 -0.87 7.39 -39.76
C VAL C 105 -1.22 6.91 -41.16
N GLU C 106 -1.18 7.84 -42.11
CA GLU C 106 -1.46 7.52 -43.51
C GLU C 106 -0.39 8.10 -44.42
N ILE C 107 -0.62 8.05 -45.73
CA ILE C 107 0.33 8.55 -46.72
C ILE C 107 -0.31 9.70 -47.48
N LYS C 108 0.46 10.75 -47.73
CA LYS C 108 -0.03 11.91 -48.49
C LYS C 108 -0.43 11.48 -49.89
N ARG C 109 -1.72 11.61 -50.22
CA ARG C 109 -2.23 11.24 -51.53
C ARG C 109 -2.72 12.43 -52.32
N THR C 110 -3.69 13.19 -51.79
CA THR C 110 -4.37 14.35 -52.38
C THR C 110 -4.55 14.23 -53.89
N VAL C 111 -5.02 13.07 -54.36
CA VAL C 111 -4.99 12.77 -55.79
C VAL C 111 -6.07 13.55 -56.53
N ALA C 112 -7.26 13.69 -55.95
CA ALA C 112 -8.38 14.27 -56.67
C ALA C 112 -9.30 14.96 -55.66
N ALA C 113 -10.53 15.27 -56.11
CA ALA C 113 -11.56 15.95 -55.36
C ALA C 113 -12.83 15.10 -55.34
N PRO C 114 -13.65 15.21 -54.29
CA PRO C 114 -14.86 14.38 -54.22
C PRO C 114 -15.87 14.75 -55.30
N SER C 115 -16.60 13.72 -55.75
CA SER C 115 -17.63 13.87 -56.78
C SER C 115 -18.98 13.56 -56.17
N VAL C 116 -19.93 14.47 -56.33
CA VAL C 116 -21.27 14.32 -55.76
C VAL C 116 -22.13 13.55 -56.74
N PHE C 117 -22.73 12.45 -56.25
CA PHE C 117 -23.65 11.62 -57.03
C PHE C 117 -24.89 11.36 -56.19
N ILE C 118 -25.94 12.14 -56.43
CA ILE C 118 -27.17 12.02 -55.67
C ILE C 118 -28.05 10.93 -56.29
N PHE C 119 -28.98 10.42 -55.48
CA PHE C 119 -29.88 9.37 -55.94
C PHE C 119 -31.31 9.66 -55.45
N PRO C 120 -32.28 9.72 -56.35
CA PRO C 120 -33.66 9.92 -55.93
C PRO C 120 -34.18 8.69 -55.20
N PRO C 121 -35.11 8.86 -54.26
CA PRO C 121 -35.69 7.70 -53.56
C PRO C 121 -36.51 6.83 -54.50
N SER C 122 -36.52 5.54 -54.20
CA SER C 122 -37.25 4.59 -55.02
C SER C 122 -38.75 4.71 -54.79
N ASP C 123 -39.53 4.19 -55.75
CA ASP C 123 -40.99 4.22 -55.62
C ASP C 123 -41.48 3.30 -54.52
N GLU C 124 -40.78 2.18 -54.29
CA GLU C 124 -41.18 1.25 -53.24
C GLU C 124 -40.93 1.81 -51.84
N GLN C 125 -40.03 2.80 -51.72
CA GLN C 125 -39.76 3.39 -50.42
C GLN C 125 -40.93 4.25 -49.92
N LEU C 126 -41.83 4.66 -50.81
CA LEU C 126 -42.99 5.45 -50.39
C LEU C 126 -43.94 4.61 -49.54
N LYS C 127 -44.11 3.33 -49.88
CA LYS C 127 -45.00 2.47 -49.13
C LYS C 127 -44.40 2.03 -47.79
N SER C 128 -43.11 2.23 -47.58
CA SER C 128 -42.47 1.85 -46.31
C SER C 128 -42.73 2.86 -45.20
N GLY C 129 -43.24 4.05 -45.53
CA GLY C 129 -43.52 5.06 -44.54
C GLY C 129 -42.37 6.00 -44.23
N THR C 130 -41.18 5.74 -44.77
CA THR C 130 -40.02 6.59 -44.54
C THR C 130 -39.28 6.77 -45.86
N ALA C 131 -38.90 8.01 -46.15
CA ALA C 131 -38.17 8.36 -47.36
C ALA C 131 -36.76 8.79 -47.00
N SER C 132 -35.76 8.22 -47.68
CA SER C 132 -34.37 8.53 -47.44
C SER C 132 -33.66 8.85 -48.75
N VAL C 133 -32.80 9.86 -48.72
CA VAL C 133 -32.02 10.27 -49.87
C VAL C 133 -30.55 10.35 -49.45
N VAL C 134 -29.67 9.85 -50.29
CA VAL C 134 -28.24 9.77 -49.98
C VAL C 134 -27.43 10.44 -51.08
N CYS C 135 -26.26 10.94 -50.70
CA CYS C 135 -25.27 11.44 -51.64
C CYS C 135 -23.90 10.95 -51.20
N LEU C 136 -23.04 10.68 -52.17
CA LEU C 136 -21.77 10.01 -51.93
C LEU C 136 -20.59 10.89 -52.29
N LEU C 137 -19.49 10.70 -51.56
CA LEU C 137 -18.21 11.35 -51.83
C LEU C 137 -17.15 10.28 -51.95
N ASN C 138 -16.25 10.43 -52.93
CA ASN C 138 -15.23 9.44 -53.20
C ASN C 138 -13.89 10.10 -53.49
N ASN C 139 -12.82 9.37 -53.18
CA ASN C 139 -11.41 9.76 -53.39
C ASN C 139 -11.14 11.22 -53.03
N PHE C 140 -11.38 11.53 -51.75
CA PHE C 140 -11.20 12.89 -51.24
C PHE C 140 -10.13 12.88 -50.14
N TYR C 141 -9.27 13.89 -50.16
CA TYR C 141 -8.23 14.09 -49.16
C TYR C 141 -8.09 15.59 -48.93
N PRO C 142 -7.98 16.03 -47.67
CA PRO C 142 -7.94 15.25 -46.42
C PRO C 142 -9.34 14.90 -45.91
N ARG C 143 -9.46 14.58 -44.62
CA ARG C 143 -10.73 14.16 -44.04
C ARG C 143 -11.75 15.29 -43.93
N GLU C 144 -11.34 16.54 -44.15
CA GLU C 144 -12.26 17.66 -44.05
C GLU C 144 -13.18 17.67 -45.26
N ALA C 145 -14.43 17.26 -45.07
CA ALA C 145 -15.41 17.24 -46.15
C ALA C 145 -16.80 17.36 -45.52
N LYS C 146 -17.37 18.56 -45.59
CA LYS C 146 -18.70 18.80 -45.03
C LYS C 146 -19.75 18.10 -45.89
N VAL C 147 -20.68 17.42 -45.23
CA VAL C 147 -21.69 16.63 -45.92
C VAL C 147 -23.06 17.22 -45.60
N GLN C 148 -23.07 18.53 -45.34
CA GLN C 148 -24.32 19.22 -45.03
C GLN C 148 -25.25 19.22 -46.24
N TRP C 149 -26.56 19.22 -45.96
CA TRP C 149 -27.59 19.21 -46.99
C TRP C 149 -28.35 20.53 -46.96
N LYS C 150 -28.45 21.18 -48.11
CA LYS C 150 -29.17 22.44 -48.26
C LYS C 150 -30.42 22.17 -49.07
N VAL C 151 -31.58 22.28 -48.42
CA VAL C 151 -32.87 22.08 -49.06
C VAL C 151 -33.67 23.37 -48.96
N ASP C 152 -34.24 23.80 -50.09
CA ASP C 152 -34.98 25.07 -50.21
C ASP C 152 -34.15 26.25 -49.77
N ASN C 153 -32.85 26.20 -50.09
CA ASN C 153 -31.86 27.23 -49.71
C ASN C 153 -31.85 27.45 -48.20
N ALA C 154 -31.94 26.37 -47.44
CA ALA C 154 -31.93 26.42 -45.99
C ALA C 154 -30.94 25.39 -45.45
N LEU C 155 -30.18 25.79 -44.43
CA LEU C 155 -29.18 24.91 -43.84
C LEU C 155 -29.84 23.86 -42.97
N GLN C 156 -29.31 22.63 -43.02
CA GLN C 156 -29.79 21.53 -42.21
C GLN C 156 -28.61 20.89 -41.48
N SER C 157 -28.81 20.55 -40.22
CA SER C 157 -27.77 19.96 -39.39
C SER C 157 -28.34 18.85 -38.55
N GLY C 158 -27.48 17.90 -38.17
CA GLY C 158 -27.88 16.78 -37.34
C GLY C 158 -28.88 15.85 -37.98
N ASN C 159 -28.70 15.55 -39.27
CA ASN C 159 -29.62 14.67 -39.98
C ASN C 159 -28.92 13.60 -40.82
N SER C 160 -27.65 13.79 -41.20
CA SER C 160 -26.90 12.83 -41.99
C SER C 160 -25.76 12.28 -41.15
N GLN C 161 -25.58 10.96 -41.19
CA GLN C 161 -24.52 10.30 -40.44
C GLN C 161 -23.39 9.92 -41.38
N GLU C 162 -22.18 10.36 -41.06
CA GLU C 162 -21.02 10.10 -41.90
C GLU C 162 -20.54 8.67 -41.73
N SER C 163 -20.10 8.07 -42.83
CA SER C 163 -19.55 6.71 -42.83
C SER C 163 -18.34 6.68 -43.75
N VAL C 164 -17.18 6.31 -43.21
CA VAL C 164 -15.93 6.28 -43.96
C VAL C 164 -15.55 4.82 -44.18
N THR C 165 -15.35 4.43 -45.43
CA THR C 165 -15.01 3.07 -45.76
C THR C 165 -13.55 2.77 -45.41
N GLU C 166 -13.22 1.48 -45.43
CA GLU C 166 -11.88 1.04 -45.10
C GLU C 166 -10.93 1.24 -46.29
N GLN C 167 -9.65 0.96 -46.06
CA GLN C 167 -8.62 1.16 -47.07
C GLN C 167 -8.25 -0.18 -47.71
N ASP C 168 -8.21 -0.20 -49.04
CA ASP C 168 -7.71 -1.36 -49.75
C ASP C 168 -6.19 -1.30 -49.86
N SER C 169 -5.59 -2.47 -50.07
CA SER C 169 -4.13 -2.58 -50.04
C SER C 169 -3.48 -1.95 -51.26
N LYS C 170 -4.18 -1.88 -52.38
CA LYS C 170 -3.58 -1.43 -53.63
C LYS C 170 -3.66 0.08 -53.81
N ASP C 171 -4.85 0.66 -53.65
CA ASP C 171 -5.07 2.06 -53.98
C ASP C 171 -5.21 2.98 -52.77
N SER C 172 -5.65 2.45 -51.63
CA SER C 172 -5.91 3.24 -50.41
C SER C 172 -6.90 4.38 -50.70
N THR C 173 -8.09 3.99 -51.11
CA THR C 173 -9.13 4.93 -51.51
C THR C 173 -10.14 5.12 -50.38
N TYR C 174 -10.50 6.37 -50.12
CA TYR C 174 -11.46 6.73 -49.10
C TYR C 174 -12.78 7.17 -49.73
N SER C 175 -13.88 6.79 -49.08
CA SER C 175 -15.22 7.13 -49.56
C SER C 175 -16.07 7.56 -48.37
N LEU C 176 -17.11 8.34 -48.67
CA LEU C 176 -18.03 8.85 -47.66
C LEU C 176 -19.46 8.63 -48.12
N SER C 177 -20.29 8.11 -47.22
CA SER C 177 -21.71 7.90 -47.49
C SER C 177 -22.51 8.42 -46.29
N SER C 178 -23.59 9.14 -46.59
CA SER C 178 -24.45 9.71 -45.55
C SER C 178 -25.91 9.42 -45.89
N THR C 179 -26.66 9.02 -44.87
CA THR C 179 -28.08 8.72 -44.99
C THR C 179 -28.89 9.78 -44.27
N LEU C 180 -29.85 10.36 -44.96
CA LEU C 180 -30.72 11.40 -44.41
C LEU C 180 -32.11 10.83 -44.19
N THR C 181 -32.66 11.06 -43.00
CA THR C 181 -33.97 10.54 -42.60
C THR C 181 -34.97 11.68 -42.56
N LEU C 182 -36.10 11.49 -43.23
CA LEU C 182 -37.18 12.47 -43.22
C LEU C 182 -38.52 11.74 -43.25
N SER C 183 -39.52 12.33 -42.62
CA SER C 183 -40.86 11.75 -42.61
C SER C 183 -41.51 11.91 -43.98
N LYS C 184 -42.49 11.04 -44.24
CA LYS C 184 -43.19 11.08 -45.53
C LYS C 184 -44.00 12.35 -45.71
N ALA C 185 -44.56 12.89 -44.62
CA ALA C 185 -45.31 14.13 -44.72
C ALA C 185 -44.41 15.32 -45.03
N ASP C 186 -43.15 15.27 -44.63
CA ASP C 186 -42.21 16.35 -44.88
C ASP C 186 -41.62 16.32 -46.28
N TYR C 187 -41.79 15.22 -47.02
CA TYR C 187 -41.27 15.15 -48.38
C TYR C 187 -42.03 16.07 -49.31
N GLU C 188 -43.35 16.17 -49.15
CA GLU C 188 -44.15 17.03 -50.01
C GLU C 188 -43.95 18.51 -49.71
N LYS C 189 -43.43 18.84 -48.53
CA LYS C 189 -43.16 20.24 -48.20
C LYS C 189 -41.99 20.79 -49.01
N HIS C 190 -40.97 19.95 -49.24
CA HIS C 190 -39.79 20.36 -49.99
C HIS C 190 -39.97 20.04 -51.48
N LYS C 191 -39.07 20.60 -52.29
CA LYS C 191 -39.14 20.43 -53.74
C LYS C 191 -37.81 20.08 -54.41
N VAL C 192 -36.67 20.25 -53.74
CA VAL C 192 -35.38 19.80 -54.23
C VAL C 192 -34.63 19.10 -53.11
N TYR C 193 -33.45 18.60 -53.44
CA TYR C 193 -32.54 17.99 -52.47
C TYR C 193 -31.13 18.08 -53.02
N ALA C 194 -30.19 18.47 -52.16
CA ALA C 194 -28.80 18.63 -52.58
C ALA C 194 -27.90 18.58 -51.36
N CYS C 195 -26.65 18.20 -51.59
CA CYS C 195 -25.61 18.23 -50.58
C CYS C 195 -24.39 18.93 -51.17
N GLU C 196 -23.70 19.72 -50.33
CA GLU C 196 -22.60 20.56 -50.76
C GLU C 196 -21.34 20.23 -49.97
N VAL C 197 -20.20 20.23 -50.65
CA VAL C 197 -18.91 19.96 -50.04
C VAL C 197 -17.92 21.05 -50.48
N THR C 198 -16.93 21.29 -49.64
CA THR C 198 -15.85 22.23 -49.94
C THR C 198 -14.53 21.48 -49.92
N HIS C 199 -13.75 21.63 -50.99
CA HIS C 199 -12.49 20.91 -51.11
C HIS C 199 -11.46 21.81 -51.78
N GLN C 200 -10.19 21.54 -51.49
CA GLN C 200 -9.09 22.29 -52.09
C GLN C 200 -8.84 21.92 -53.54
N GLY C 201 -9.23 20.71 -53.96
CA GLY C 201 -9.03 20.28 -55.33
C GLY C 201 -9.91 20.98 -56.34
N LEU C 202 -11.04 21.53 -55.90
CA LEU C 202 -11.97 22.24 -56.76
C LEU C 202 -11.91 23.73 -56.43
N SER C 203 -11.84 24.57 -57.47
CA SER C 203 -11.82 26.01 -57.27
C SER C 203 -13.14 26.51 -56.68
N SER C 204 -14.26 25.95 -57.14
CA SER C 204 -15.58 26.29 -56.65
C SER C 204 -16.33 25.02 -56.28
N PRO C 205 -17.20 25.09 -55.28
CA PRO C 205 -18.00 23.90 -54.93
C PRO C 205 -18.97 23.53 -56.04
N VAL C 206 -19.22 22.23 -56.16
CA VAL C 206 -20.14 21.69 -57.16
C VAL C 206 -21.39 21.23 -56.43
N THR C 207 -22.55 21.77 -56.84
CA THR C 207 -23.82 21.44 -56.25
C THR C 207 -24.71 20.79 -57.30
N LYS C 208 -25.21 19.60 -56.99
CA LYS C 208 -26.15 18.89 -57.84
C LYS C 208 -27.52 18.92 -57.17
N SER C 209 -28.45 19.68 -57.76
CA SER C 209 -29.79 19.82 -57.22
C SER C 209 -30.77 19.21 -58.20
N PHE C 210 -31.55 18.23 -57.75
CA PHE C 210 -32.60 17.61 -58.55
C PHE C 210 -33.95 17.89 -57.91
N ASN C 211 -34.93 18.23 -58.75
CA ASN C 211 -36.25 18.56 -58.27
C ASN C 211 -37.05 17.29 -57.94
N ARG C 212 -38.19 17.49 -57.28
CA ARG C 212 -39.03 16.39 -56.86
C ARG C 212 -39.93 15.95 -58.01
N GLY C 213 -39.95 14.64 -58.27
CA GLY C 213 -40.83 14.04 -59.26
C GLY C 213 -40.29 13.95 -60.67
N GLU C 214 -39.20 14.63 -61.00
CA GLU C 214 -38.55 14.47 -62.29
C GLU C 214 -37.10 14.93 -62.16
N CYS C 215 -36.44 15.16 -63.29
CA CYS C 215 -35.04 15.55 -63.32
C CYS C 215 -34.79 16.90 -62.64
N GLN D 1 27.36 -20.57 25.84
CA GLN D 1 28.50 -21.46 25.69
C GLN D 1 29.29 -21.54 27.00
N CYS D 2 29.49 -22.75 27.50
CA CYS D 2 30.17 -22.95 28.77
C CYS D 2 30.80 -24.33 28.78
N VAL D 3 31.71 -24.53 29.74
CA VAL D 3 32.40 -25.80 29.92
C VAL D 3 31.82 -26.50 31.13
N ASN D 4 31.46 -27.78 30.97
CA ASN D 4 30.90 -28.55 32.07
C ASN D 4 31.97 -28.85 33.12
N LEU D 5 31.52 -28.95 34.37
CA LEU D 5 32.41 -29.25 35.49
C LEU D 5 32.13 -30.66 36.01
N THR D 6 33.20 -31.33 36.44
CA THR D 6 33.12 -32.69 36.93
C THR D 6 33.68 -32.88 38.33
N THR D 7 34.65 -32.06 38.73
CA THR D 7 35.33 -32.21 40.02
C THR D 7 34.57 -31.58 41.18
N ARG D 8 33.26 -31.34 41.04
CA ARG D 8 32.47 -30.80 42.13
C ARG D 8 32.36 -31.81 43.26
N THR D 9 32.54 -31.32 44.49
CA THR D 9 32.49 -32.15 45.69
C THR D 9 31.12 -32.03 46.34
N GLN D 10 30.46 -33.17 46.57
CA GLN D 10 29.15 -33.16 47.18
C GLN D 10 29.26 -32.82 48.66
N LEU D 11 28.36 -31.97 49.13
CA LEU D 11 28.34 -31.54 50.53
C LEU D 11 26.92 -31.15 50.92
N PRO D 12 26.35 -31.80 51.93
CA PRO D 12 24.97 -31.49 52.34
C PRO D 12 24.85 -30.08 52.87
N PRO D 13 23.75 -29.39 52.59
CA PRO D 13 23.59 -28.00 53.05
C PRO D 13 23.48 -27.91 54.57
N ALA D 14 23.99 -26.81 55.10
CA ALA D 14 23.91 -26.50 56.52
C ALA D 14 22.95 -25.34 56.74
N TYR D 15 22.49 -25.20 57.97
CA TYR D 15 21.52 -24.18 58.34
C TYR D 15 22.06 -23.35 59.50
N THR D 16 22.01 -22.03 59.33
CA THR D 16 22.46 -21.09 60.36
C THR D 16 21.34 -20.08 60.61
N ASN D 17 21.00 -19.87 61.88
CA ASN D 17 19.90 -18.98 62.23
C ASN D 17 20.27 -17.52 61.98
N SER D 18 19.24 -16.71 61.72
CA SER D 18 19.39 -15.28 61.50
C SER D 18 18.95 -14.51 62.73
N PHE D 19 19.64 -13.42 63.03
CA PHE D 19 19.42 -12.63 64.23
C PHE D 19 19.01 -11.21 63.84
N THR D 20 17.71 -11.01 63.63
CA THR D 20 17.10 -9.69 63.37
C THR D 20 17.79 -8.97 62.21
N ARG D 21 17.95 -9.68 61.10
CA ARG D 21 18.62 -9.13 59.92
C ARG D 21 17.65 -8.75 58.80
N GLY D 22 16.48 -9.36 58.75
CA GLY D 22 15.56 -9.18 57.63
C GLY D 22 14.69 -7.95 57.65
N VAL D 23 14.93 -7.01 58.57
CA VAL D 23 14.13 -5.80 58.64
C VAL D 23 14.56 -4.84 57.53
N TYR D 24 13.59 -4.35 56.76
CA TYR D 24 13.86 -3.42 55.68
C TYR D 24 12.78 -2.34 55.67
N TYR D 25 12.97 -1.35 54.80
CA TYR D 25 12.06 -0.22 54.74
C TYR D 25 10.69 -0.66 54.22
N PRO D 26 9.59 -0.31 54.90
CA PRO D 26 8.28 -0.82 54.48
C PRO D 26 7.80 -0.23 53.16
N ASP D 27 7.97 1.07 52.94
CA ASP D 27 7.48 1.72 51.74
C ASP D 27 8.29 2.99 51.47
N LYS D 28 8.00 3.62 50.33
CA LYS D 28 8.65 4.88 49.98
C LYS D 28 8.22 6.02 50.87
N VAL D 29 7.07 5.91 51.55
CA VAL D 29 6.60 6.97 52.43
C VAL D 29 7.48 7.02 53.67
N PHE D 30 8.03 8.19 53.96
CA PHE D 30 8.92 8.37 55.10
C PHE D 30 8.11 8.69 56.34
N ARG D 31 8.38 7.96 57.42
CA ARG D 31 7.75 8.20 58.72
C ARG D 31 8.82 8.16 59.80
N SER D 32 8.58 8.91 60.87
CA SER D 32 9.55 9.01 61.96
C SER D 32 8.85 9.31 63.27
N SER D 33 9.46 8.85 64.36
CA SER D 33 8.98 9.08 65.73
C SER D 33 7.57 8.54 65.95
N VAL D 34 7.21 7.47 65.23
CA VAL D 34 5.89 6.86 65.34
C VAL D 34 6.05 5.35 65.40
N LEU D 35 5.02 4.69 65.92
CA LEU D 35 4.96 3.23 66.00
C LEU D 35 3.84 2.73 65.11
N HIS D 36 4.14 1.77 64.24
CA HIS D 36 3.17 1.27 63.28
C HIS D 36 3.53 -0.15 62.88
N SER D 37 2.51 -0.93 62.53
CA SER D 37 2.68 -2.29 62.04
C SER D 37 2.13 -2.38 60.63
N THR D 38 2.85 -3.09 59.76
CA THR D 38 2.49 -3.22 58.36
C THR D 38 2.22 -4.69 58.02
N GLN D 39 1.44 -4.91 56.97
CA GLN D 39 1.12 -6.24 56.49
C GLN D 39 1.81 -6.43 55.14
N ASP D 40 3.08 -6.82 55.20
CA ASP D 40 3.90 -7.03 54.01
C ASP D 40 4.66 -8.33 54.12
N LEU D 41 5.62 -8.55 53.22
CA LEU D 41 6.46 -9.74 53.25
C LEU D 41 7.73 -9.45 54.04
N PHE D 42 7.93 -10.18 55.13
CA PHE D 42 9.08 -9.99 55.99
C PHE D 42 9.72 -11.33 56.31
N LEU D 43 10.97 -11.27 56.78
CA LEU D 43 11.68 -12.47 57.20
C LEU D 43 11.41 -12.71 58.68
N PRO D 44 10.82 -13.84 59.07
CA PRO D 44 10.54 -14.08 60.49
C PRO D 44 11.82 -14.22 61.29
N PHE D 45 11.77 -13.74 62.53
CA PHE D 45 12.92 -13.80 63.43
C PHE D 45 13.10 -15.23 63.96
N PHE D 46 14.36 -15.54 64.30
CA PHE D 46 14.74 -16.85 64.84
C PHE D 46 14.37 -18.00 63.90
N SER D 47 14.50 -17.76 62.60
CA SER D 47 14.23 -18.76 61.58
C SER D 47 15.55 -19.45 61.21
N ASN D 48 15.51 -20.29 60.19
CA ASN D 48 16.67 -21.02 59.72
C ASN D 48 17.04 -20.57 58.31
N VAL D 49 18.32 -20.31 58.09
CA VAL D 49 18.84 -19.83 56.82
C VAL D 49 19.90 -20.82 56.34
N THR D 50 19.75 -21.29 55.11
CA THR D 50 20.66 -22.28 54.56
C THR D 50 22.05 -21.69 54.35
N TRP D 51 23.08 -22.45 54.71
CA TRP D 51 24.46 -22.03 54.64
C TRP D 51 25.15 -22.66 53.45
N PHE D 52 25.77 -21.83 52.62
CA PHE D 52 26.54 -22.28 51.47
C PHE D 52 27.92 -21.64 51.50
N HIS D 53 28.95 -22.43 51.19
CA HIS D 53 30.33 -21.98 51.21
C HIS D 53 31.01 -22.36 49.91
N VAL D 54 31.78 -21.43 49.37
CA VAL D 54 32.54 -21.64 48.13
C VAL D 54 33.99 -21.27 48.40
N ILE D 55 34.89 -22.20 48.13
CA ILE D 55 36.32 -21.95 48.32
C ILE D 55 37.09 -22.29 47.05
N LYS D 62 38.52 -26.61 47.52
CA LYS D 62 38.00 -26.77 46.17
C LYS D 62 36.52 -27.12 46.19
N ARG D 63 35.68 -26.11 46.39
CA ARG D 63 34.22 -26.28 46.43
C ARG D 63 33.58 -25.37 45.40
N PHE D 64 32.69 -25.93 44.59
CA PHE D 64 31.96 -25.19 43.57
C PHE D 64 30.49 -25.52 43.72
N ASP D 65 29.68 -24.54 44.08
CA ASP D 65 28.28 -24.76 44.41
C ASP D 65 27.39 -23.77 43.66
N ASN D 66 26.34 -24.28 43.04
CA ASN D 66 25.29 -23.44 42.44
C ASN D 66 23.99 -24.23 42.41
N PRO D 67 23.35 -24.43 43.56
CA PRO D 67 22.18 -25.30 43.64
C PRO D 67 20.94 -24.63 43.07
N VAL D 68 19.90 -25.45 42.89
CA VAL D 68 18.63 -25.00 42.35
C VAL D 68 17.59 -25.08 43.47
N LEU D 69 17.01 -23.93 43.81
CA LEU D 69 15.98 -23.84 44.83
C LEU D 69 14.80 -23.04 44.27
N PRO D 70 13.57 -23.39 44.67
CA PRO D 70 12.41 -22.69 44.12
C PRO D 70 12.23 -21.30 44.71
N PHE D 71 11.74 -20.39 43.87
CA PHE D 71 11.42 -19.02 44.27
C PHE D 71 9.91 -18.97 44.51
N ASN D 72 9.49 -19.52 45.65
CA ASN D 72 8.07 -19.49 46.00
C ASN D 72 7.63 -18.08 46.39
N ASP D 73 8.48 -17.36 47.12
CA ASP D 73 8.22 -15.98 47.51
C ASP D 73 9.52 -15.20 47.36
N GLY D 74 9.57 -14.00 47.92
CA GLY D 74 10.79 -13.21 47.84
C GLY D 74 11.93 -13.88 48.59
N VAL D 75 13.14 -13.73 48.05
CA VAL D 75 14.32 -14.38 48.60
C VAL D 75 15.13 -13.37 49.39
N TYR D 76 15.75 -13.84 50.47
CA TYR D 76 16.66 -13.04 51.27
C TYR D 76 18.09 -13.48 50.96
N PHE D 77 18.87 -12.60 50.37
CA PHE D 77 20.22 -12.92 49.90
C PHE D 77 21.23 -12.07 50.66
N ALA D 78 21.91 -12.68 51.63
CA ALA D 78 23.02 -12.07 52.34
C ALA D 78 24.29 -12.83 52.02
N SER D 79 25.41 -12.11 51.89
CA SER D 79 26.66 -12.76 51.50
C SER D 79 27.84 -11.93 51.98
N ILE D 80 28.83 -12.62 52.55
CA ILE D 80 30.13 -12.02 52.81
C ILE D 80 30.98 -12.18 51.55
N GLU D 81 31.60 -11.08 51.13
CA GLU D 81 32.26 -11.04 49.83
C GLU D 81 33.52 -10.19 49.90
N LYS D 82 34.57 -10.66 49.21
CA LYS D 82 35.80 -9.91 49.05
C LYS D 82 36.20 -9.94 47.57
N SER D 83 36.65 -8.78 47.08
CA SER D 83 37.15 -8.62 45.71
C SER D 83 36.09 -8.99 44.66
N ASN D 84 34.82 -8.78 44.98
CA ASN D 84 33.69 -8.96 44.06
C ASN D 84 33.63 -10.38 43.51
N ILE D 85 33.37 -11.32 44.42
CA ILE D 85 33.29 -12.73 44.04
C ILE D 85 32.08 -12.98 43.14
N ILE D 86 30.91 -12.50 43.56
CA ILE D 86 29.69 -12.71 42.80
C ILE D 86 29.36 -11.44 42.03
N ARG D 87 28.62 -11.59 40.95
CA ARG D 87 28.31 -10.47 40.05
C ARG D 87 26.82 -10.22 39.89
N GLY D 88 26.00 -11.27 39.83
CA GLY D 88 24.59 -11.06 39.61
C GLY D 88 23.80 -12.35 39.76
N TRP D 89 22.52 -12.26 39.41
CA TRP D 89 21.60 -13.38 39.52
C TRP D 89 20.74 -13.46 38.26
N ILE D 90 20.21 -14.65 38.00
CA ILE D 90 19.33 -14.88 36.86
C ILE D 90 18.05 -15.54 37.36
N PHE D 91 16.93 -15.12 36.77
CA PHE D 91 15.61 -15.62 37.15
C PHE D 91 14.89 -16.09 35.90
N GLY D 92 14.50 -17.35 35.86
CA GLY D 92 13.80 -17.90 34.71
C GLY D 92 13.07 -19.16 35.08
N THR D 93 12.00 -19.45 34.32
CA THR D 93 11.21 -20.65 34.60
C THR D 93 11.97 -21.91 34.23
N THR D 94 12.55 -21.95 33.04
CA THR D 94 13.32 -23.11 32.58
C THR D 94 14.69 -22.74 32.01
N LEU D 95 14.99 -21.45 31.86
CA LEU D 95 16.29 -20.95 31.40
C LEU D 95 16.65 -21.52 30.02
N ASP D 96 15.77 -21.25 29.06
CA ASP D 96 15.98 -21.70 27.68
C ASP D 96 15.31 -20.70 26.74
N SER D 97 15.23 -21.05 25.45
CA SER D 97 14.74 -20.15 24.44
C SER D 97 13.22 -20.11 24.33
N LYS D 98 12.50 -20.96 25.07
CA LYS D 98 11.05 -20.99 25.03
C LYS D 98 10.42 -20.27 26.22
N THR D 99 11.20 -19.51 26.99
CA THR D 99 10.66 -18.76 28.10
C THR D 99 11.49 -17.50 28.31
N GLN D 100 10.88 -16.53 28.99
CA GLN D 100 11.53 -15.25 29.27
C GLN D 100 12.31 -15.35 30.59
N SER D 101 13.53 -14.84 30.59
CA SER D 101 14.39 -14.88 31.77
C SER D 101 15.03 -13.52 32.00
N LEU D 102 15.23 -13.20 33.28
CA LEU D 102 15.85 -11.96 33.71
C LEU D 102 17.32 -12.20 34.03
N LEU D 103 18.16 -11.25 33.64
CA LEU D 103 19.61 -11.36 33.83
C LEU D 103 20.15 -10.12 34.51
N ILE D 104 21.07 -10.31 35.45
CA ILE D 104 21.79 -9.22 36.09
C ILE D 104 23.28 -9.51 35.98
N VAL D 105 24.02 -8.61 35.33
CA VAL D 105 25.45 -8.75 35.13
C VAL D 105 26.13 -7.46 35.55
N ASN D 106 27.15 -7.58 36.40
CA ASN D 106 27.94 -6.44 36.87
C ASN D 106 29.41 -6.73 36.59
N ASN D 107 29.96 -6.09 35.56
CA ASN D 107 31.38 -6.22 35.26
C ASN D 107 32.15 -5.11 35.97
N ALA D 108 33.42 -4.92 35.59
CA ALA D 108 34.27 -3.97 36.27
C ALA D 108 33.97 -2.52 35.93
N THR D 109 33.10 -2.25 34.95
CA THR D 109 32.84 -0.89 34.50
C THR D 109 31.49 -0.37 34.97
N ASN D 110 30.40 -1.08 34.66
CA ASN D 110 29.06 -0.55 34.93
C ASN D 110 28.12 -1.73 35.21
N VAL D 111 26.83 -1.42 35.32
CA VAL D 111 25.78 -2.41 35.55
C VAL D 111 24.73 -2.23 34.47
N VAL D 112 24.39 -3.31 33.78
CA VAL D 112 23.37 -3.30 32.73
C VAL D 112 22.30 -4.33 33.09
N ILE D 113 21.04 -3.91 32.97
CA ILE D 113 19.90 -4.79 33.19
C ILE D 113 19.27 -5.06 31.82
N LYS D 114 19.36 -6.31 31.37
CA LYS D 114 18.88 -6.71 30.06
C LYS D 114 18.13 -8.02 30.19
N VAL D 115 16.84 -8.00 29.84
CA VAL D 115 15.94 -9.13 30.04
C VAL D 115 15.60 -9.70 28.67
N CYS D 116 16.26 -10.79 28.29
CA CYS D 116 15.98 -11.47 27.03
C CYS D 116 16.03 -12.97 27.27
N GLU D 117 15.86 -13.74 26.21
CA GLU D 117 15.79 -15.19 26.28
C GLU D 117 17.13 -15.77 25.84
N PHE D 118 17.68 -16.69 26.64
CA PHE D 118 19.01 -17.22 26.39
C PHE D 118 19.03 -18.72 26.66
N GLN D 119 20.03 -19.40 26.07
CA GLN D 119 20.21 -20.83 26.26
C GLN D 119 21.21 -21.05 27.39
N PHE D 120 20.69 -21.01 28.61
CA PHE D 120 21.53 -21.19 29.79
C PHE D 120 21.95 -22.65 29.94
N CYS D 121 23.19 -22.86 30.39
CA CYS D 121 23.69 -24.18 30.71
C CYS D 121 23.65 -24.41 32.22
N ASN D 122 24.06 -25.61 32.64
CA ASN D 122 23.89 -26.00 34.03
C ASN D 122 24.88 -25.30 34.96
N ASP D 123 26.01 -24.81 34.45
CA ASP D 123 27.01 -24.11 35.26
C ASP D 123 27.40 -22.80 34.57
N PRO D 124 26.55 -21.77 34.63
CA PRO D 124 26.91 -20.46 34.09
C PRO D 124 27.74 -19.67 35.08
N PHE D 125 29.01 -19.43 34.75
CA PHE D 125 29.93 -18.76 35.64
C PHE D 125 30.72 -17.71 34.86
N LEU D 126 31.64 -17.05 35.55
CA LEU D 126 32.46 -16.00 34.97
C LEU D 126 33.93 -16.31 35.20
N ASP D 127 34.77 -15.87 34.27
CA ASP D 127 36.21 -16.08 34.37
C ASP D 127 36.94 -14.75 34.49
N MET D 135 42.20 -10.33 35.60
CA MET D 135 41.48 -9.58 34.59
C MET D 135 40.10 -10.19 34.33
N GLU D 136 39.23 -9.42 33.66
CA GLU D 136 37.87 -9.84 33.34
C GLU D 136 37.65 -9.63 31.84
N SER D 137 37.91 -10.69 31.06
CA SER D 137 37.73 -10.63 29.62
C SER D 137 37.07 -11.90 29.09
N GLU D 138 36.19 -12.50 29.87
CA GLU D 138 35.54 -13.75 29.48
C GLU D 138 34.16 -13.79 30.10
N PHE D 139 33.14 -13.84 29.24
CA PHE D 139 31.73 -13.83 29.67
C PHE D 139 31.05 -15.09 29.14
N ARG D 140 31.14 -16.16 29.91
CA ARG D 140 30.48 -17.42 29.56
C ARG D 140 29.16 -17.57 30.32
N VAL D 141 28.20 -16.72 29.97
CA VAL D 141 26.91 -16.72 30.66
C VAL D 141 25.77 -16.93 29.67
N TYR D 142 26.01 -16.66 28.39
CA TYR D 142 24.97 -16.80 27.38
C TYR D 142 25.59 -17.09 26.03
N SER D 143 24.78 -17.63 25.12
CA SER D 143 25.19 -17.92 23.76
C SER D 143 24.70 -16.89 22.76
N SER D 144 23.39 -16.67 22.69
CA SER D 144 22.81 -15.73 21.75
C SER D 144 21.46 -15.24 22.27
N ALA D 145 21.00 -14.13 21.72
CA ALA D 145 19.78 -13.47 22.14
C ALA D 145 18.71 -13.57 21.05
N ASN D 146 17.56 -12.96 21.32
CA ASN D 146 16.43 -12.96 20.41
C ASN D 146 15.55 -11.75 20.75
N ASN D 147 14.31 -11.76 20.26
CA ASN D 147 13.37 -10.67 20.52
C ASN D 147 13.13 -10.48 22.01
N CYS D 148 13.22 -9.23 22.47
CA CYS D 148 13.01 -8.87 23.87
C CYS D 148 12.81 -7.36 23.93
N THR D 149 12.75 -6.83 25.15
CA THR D 149 12.59 -5.40 25.40
C THR D 149 13.08 -5.10 26.81
N PHE D 150 12.85 -3.86 27.25
CA PHE D 150 13.16 -3.40 28.61
C PHE D 150 14.66 -3.56 28.94
N GLU D 151 15.47 -2.82 28.19
CA GLU D 151 16.92 -2.77 28.41
C GLU D 151 17.25 -1.52 29.21
N TYR D 152 17.86 -1.70 30.38
CA TYR D 152 18.14 -0.59 31.29
C TYR D 152 19.61 -0.63 31.71
N VAL D 153 20.22 0.54 31.79
CA VAL D 153 21.59 0.71 32.26
C VAL D 153 21.56 1.59 33.49
N SER D 154 22.20 1.13 34.57
CA SER D 154 22.16 1.82 35.85
C SER D 154 23.58 1.96 36.41
N GLN D 155 23.68 2.72 37.49
CA GLN D 155 24.94 2.92 38.17
C GLN D 155 25.38 1.63 38.86
N PRO D 156 26.69 1.45 39.09
CA PRO D 156 27.15 0.26 39.81
C PRO D 156 26.61 0.21 41.23
N PHE D 157 26.29 -1.00 41.68
CA PHE D 157 25.67 -1.22 42.99
C PHE D 157 26.68 -1.34 44.12
N LEU D 158 27.97 -1.40 43.80
CA LEU D 158 29.00 -1.56 44.82
C LEU D 158 29.94 -0.36 44.86
N ASN D 167 41.12 -11.56 55.99
CA ASN D 167 40.22 -10.79 56.82
C ASN D 167 39.13 -10.13 55.99
N PHE D 168 37.89 -10.61 56.16
CA PHE D 168 36.77 -10.05 55.42
C PHE D 168 36.40 -8.68 55.97
N LYS D 169 36.18 -7.72 55.07
CA LYS D 169 35.83 -6.36 55.47
C LYS D 169 34.60 -5.81 54.76
N ASN D 170 34.04 -6.55 53.80
CA ASN D 170 32.88 -6.10 53.04
C ASN D 170 31.74 -7.08 53.24
N LEU D 171 30.54 -6.55 53.52
CA LEU D 171 29.33 -7.34 53.68
C LEU D 171 28.23 -6.69 52.86
N ARG D 172 27.64 -7.46 51.95
CA ARG D 172 26.60 -6.97 51.06
C ARG D 172 25.31 -7.74 51.31
N GLU D 173 24.21 -7.01 51.45
CA GLU D 173 22.89 -7.59 51.72
C GLU D 173 21.92 -7.14 50.64
N PHE D 174 21.19 -8.09 50.07
CA PHE D 174 20.25 -7.81 48.99
C PHE D 174 18.89 -8.44 49.29
N VAL D 175 17.82 -7.72 48.96
CA VAL D 175 16.46 -8.18 49.15
C VAL D 175 15.75 -8.11 47.80
N PHE D 176 15.10 -9.21 47.42
CA PHE D 176 14.39 -9.30 46.15
C PHE D 176 12.90 -9.45 46.43
N LYS D 177 12.09 -8.61 45.78
CA LYS D 177 10.64 -8.66 45.92
C LYS D 177 10.00 -8.55 44.55
N ASN D 178 8.80 -9.11 44.42
CA ASN D 178 8.05 -9.11 43.15
C ASN D 178 6.57 -8.93 43.48
N ILE D 179 6.10 -7.68 43.44
CA ILE D 179 4.70 -7.36 43.64
C ILE D 179 4.25 -6.41 42.55
N ASP D 180 3.08 -6.70 41.97
CA ASP D 180 2.47 -5.90 40.89
C ASP D 180 3.45 -5.80 39.71
N GLY D 181 4.15 -6.91 39.44
CA GLY D 181 5.11 -6.94 38.34
C GLY D 181 6.33 -6.08 38.52
N TYR D 182 6.60 -5.59 39.74
CA TYR D 182 7.72 -4.71 40.01
C TYR D 182 8.85 -5.52 40.65
N PHE D 183 10.04 -5.43 40.06
CA PHE D 183 11.22 -6.10 40.61
C PHE D 183 11.97 -5.13 41.54
N LYS D 184 11.38 -4.95 42.71
CA LYS D 184 11.98 -4.07 43.71
C LYS D 184 13.21 -4.74 44.33
N ILE D 185 14.32 -4.02 44.36
CA ILE D 185 15.57 -4.51 44.92
C ILE D 185 16.04 -3.55 46.01
N TYR D 186 16.44 -4.10 47.15
CA TYR D 186 16.94 -3.32 48.26
C TYR D 186 18.37 -3.75 48.56
N SER D 187 19.28 -2.79 48.64
CA SER D 187 20.70 -3.07 48.83
C SER D 187 21.26 -2.21 49.95
N LYS D 188 22.25 -2.76 50.63
CA LYS D 188 22.93 -2.05 51.71
C LYS D 188 24.33 -2.63 51.89
N HIS D 189 25.33 -1.77 51.91
CA HIS D 189 26.73 -2.18 52.07
C HIS D 189 27.23 -1.69 53.43
N THR D 190 27.73 -2.62 54.24
CA THR D 190 28.24 -2.31 55.56
C THR D 190 29.55 -3.07 55.78
N PRO D 191 30.49 -2.49 56.52
CA PRO D 191 31.72 -3.21 56.87
C PRO D 191 31.56 -4.04 58.13
N ILE D 192 32.44 -5.03 58.25
CA ILE D 192 32.44 -5.91 59.42
C ILE D 192 33.78 -5.84 60.13
N ASP D 199 30.37 -16.85 59.69
CA ASP D 199 29.00 -16.91 60.17
C ASP D 199 28.30 -15.57 60.00
N LEU D 200 27.15 -15.42 60.66
CA LEU D 200 26.39 -14.18 60.57
C LEU D 200 26.56 -13.40 61.87
N PRO D 201 27.21 -12.23 61.84
CA PRO D 201 27.38 -11.44 63.06
C PRO D 201 26.07 -10.84 63.53
N GLN D 202 26.03 -10.53 64.82
CA GLN D 202 24.84 -9.92 65.41
C GLN D 202 24.85 -8.41 65.20
N GLY D 203 23.71 -7.88 64.81
CA GLY D 203 23.58 -6.45 64.58
C GLY D 203 22.29 -6.14 63.86
N PHE D 204 22.15 -4.86 63.49
CA PHE D 204 20.98 -4.37 62.78
C PHE D 204 21.41 -3.56 61.57
N SER D 205 20.58 -3.60 60.52
CA SER D 205 20.86 -2.86 59.30
C SER D 205 19.54 -2.50 58.63
N ALA D 206 19.60 -1.49 57.77
CA ALA D 206 18.44 -1.00 57.04
C ALA D 206 18.69 -1.15 55.54
N LEU D 207 17.72 -1.72 54.83
CA LEU D 207 17.82 -1.95 53.39
C LEU D 207 17.07 -0.83 52.68
N GLU D 208 17.82 0.13 52.14
CA GLU D 208 17.24 1.27 51.45
C GLU D 208 16.75 0.86 50.06
N PRO D 209 15.62 1.41 49.60
CA PRO D 209 15.16 1.12 48.23
C PRO D 209 16.01 1.87 47.21
N LEU D 210 16.46 1.15 46.18
CA LEU D 210 17.36 1.71 45.19
C LEU D 210 16.75 1.78 43.79
N VAL D 211 16.30 0.66 43.24
CA VAL D 211 15.83 0.61 41.85
C VAL D 211 14.52 -0.18 41.81
N ASP D 212 13.53 0.35 41.10
CA ASP D 212 12.27 -0.33 40.84
C ASP D 212 12.21 -0.71 39.36
N LEU D 213 11.96 -1.99 39.10
CA LEU D 213 11.95 -2.53 37.73
C LEU D 213 10.62 -3.18 37.41
N PRO D 214 9.75 -2.55 36.61
CA PRO D 214 8.48 -3.18 36.20
C PRO D 214 8.65 -4.13 35.02
N ILE D 215 9.06 -5.37 35.31
CA ILE D 215 9.35 -6.35 34.28
C ILE D 215 8.21 -7.36 34.12
N GLY D 216 7.65 -7.85 35.23
CA GLY D 216 6.48 -8.70 35.20
C GLY D 216 6.61 -10.03 34.46
N ILE D 217 7.44 -10.93 34.98
CA ILE D 217 7.65 -12.26 34.41
C ILE D 217 7.37 -13.28 35.51
N ASN D 218 7.04 -14.51 35.09
CA ASN D 218 6.86 -15.61 36.02
C ASN D 218 8.11 -15.84 36.85
N ILE D 219 7.91 -16.24 38.10
CA ILE D 219 8.99 -16.42 39.07
C ILE D 219 9.04 -17.89 39.51
N THR D 220 10.17 -18.54 39.27
CA THR D 220 10.42 -19.90 39.74
C THR D 220 11.75 -20.07 40.45
N ARG D 221 12.81 -19.40 39.98
CA ARG D 221 14.16 -19.66 40.46
C ARG D 221 14.92 -18.36 40.62
N PHE D 222 16.03 -18.43 41.35
CA PHE D 222 16.88 -17.28 41.65
C PHE D 222 18.35 -17.66 41.53
N GLN D 223 18.70 -18.34 40.43
CA GLN D 223 20.07 -18.81 40.23
C GLN D 223 21.04 -17.63 40.16
N THR D 224 22.21 -17.82 40.75
CA THR D 224 23.20 -16.76 40.88
C THR D 224 24.34 -16.97 39.89
N LEU D 225 25.29 -16.02 39.88
CA LEU D 225 26.47 -16.07 39.03
C LEU D 225 27.71 -16.01 39.90
N LEU D 226 28.73 -16.79 39.51
CA LEU D 226 29.99 -16.86 40.23
C LEU D 226 31.14 -16.55 39.30
N ALA D 227 32.17 -15.89 39.84
CA ALA D 227 33.37 -15.55 39.10
C ALA D 227 34.56 -16.30 39.68
N LEU D 228 35.29 -17.01 38.84
CA LEU D 228 36.44 -17.79 39.25
C LEU D 228 37.68 -17.26 38.52
N HIS D 229 38.73 -16.98 39.29
CA HIS D 229 39.97 -16.50 38.71
C HIS D 229 40.72 -17.62 38.01
N ARG D 230 41.35 -17.29 36.88
CA ARG D 230 42.10 -18.26 36.09
C ARG D 230 43.59 -17.97 36.22
N SER D 231 44.37 -18.99 36.51
CA SER D 231 45.82 -18.86 36.66
C SER D 231 46.54 -19.22 35.37
N GLY D 241 44.41 -25.53 37.19
CA GLY D 241 43.26 -25.00 36.49
C GLY D 241 42.85 -23.62 37.00
N TRP D 242 41.89 -23.59 37.92
CA TRP D 242 41.38 -22.35 38.49
C TRP D 242 41.33 -22.48 40.00
N THR D 243 41.57 -21.35 40.67
CA THR D 243 41.54 -21.28 42.13
C THR D 243 40.68 -20.11 42.56
N ALA D 244 39.77 -20.36 43.50
CA ALA D 244 38.87 -19.34 44.01
C ALA D 244 39.08 -19.14 45.51
N GLY D 245 38.88 -17.91 45.96
CA GLY D 245 39.05 -17.58 47.36
C GLY D 245 37.85 -17.97 48.20
N ALA D 246 37.93 -17.60 49.48
CA ALA D 246 36.85 -17.89 50.41
C ALA D 246 35.64 -17.02 50.11
N ALA D 247 34.46 -17.65 50.05
CA ALA D 247 33.23 -16.93 49.77
C ALA D 247 32.06 -17.72 50.35
N ALA D 248 31.02 -16.99 50.75
CA ALA D 248 29.82 -17.61 51.29
C ALA D 248 28.63 -16.71 51.00
N TYR D 249 27.44 -17.31 51.01
CA TYR D 249 26.21 -16.57 50.79
C TYR D 249 25.07 -17.27 51.53
N TYR D 250 24.02 -16.50 51.80
CA TYR D 250 22.86 -16.97 52.56
C TYR D 250 21.61 -16.87 51.71
N VAL D 251 20.69 -17.81 51.90
CA VAL D 251 19.42 -17.84 51.19
C VAL D 251 18.29 -18.04 52.20
N GLY D 252 17.22 -17.25 52.06
CA GLY D 252 16.11 -17.33 52.97
C GLY D 252 14.80 -17.06 52.24
N TYR D 253 13.71 -17.29 52.97
CA TYR D 253 12.36 -17.10 52.45
C TYR D 253 11.63 -16.05 53.27
N LEU D 254 10.75 -15.30 52.60
CA LEU D 254 9.96 -14.25 53.24
C LEU D 254 8.53 -14.71 53.40
N GLN D 255 7.93 -14.38 54.54
CA GLN D 255 6.57 -14.77 54.86
C GLN D 255 5.76 -13.57 55.30
N PRO D 256 4.45 -13.56 55.01
CA PRO D 256 3.61 -12.40 55.42
C PRO D 256 3.28 -12.40 56.91
N ARG D 257 4.24 -11.90 57.70
CA ARG D 257 4.10 -11.79 59.15
C ARG D 257 3.90 -10.34 59.54
N THR D 258 3.72 -10.11 60.84
CA THR D 258 3.50 -8.78 61.40
C THR D 258 4.69 -8.39 62.26
N PHE D 259 5.16 -7.15 62.08
CA PHE D 259 6.29 -6.64 62.85
C PHE D 259 5.97 -5.23 63.34
N LEU D 260 6.50 -4.90 64.51
CA LEU D 260 6.36 -3.57 65.09
C LEU D 260 7.68 -2.83 64.99
N LEU D 261 7.64 -1.62 64.44
CA LEU D 261 8.84 -0.82 64.19
C LEU D 261 8.83 0.42 65.06
N LYS D 262 9.96 0.69 65.71
CA LYS D 262 10.17 1.90 66.49
C LYS D 262 11.10 2.81 65.71
N TYR D 263 10.65 4.03 65.44
CA TYR D 263 11.38 4.96 64.60
C TYR D 263 12.16 5.96 65.46
N ASN D 264 13.00 6.74 64.79
CA ASN D 264 13.88 7.71 65.42
C ASN D 264 13.52 9.11 64.92
N GLU D 265 13.82 10.12 65.76
CA GLU D 265 13.60 11.49 65.34
C GLU D 265 14.51 11.89 64.19
N ASN D 266 15.68 11.26 64.09
CA ASN D 266 16.57 11.50 62.95
C ASN D 266 16.00 10.91 61.67
N GLY D 267 15.14 9.89 61.78
CA GLY D 267 14.53 9.26 60.63
C GLY D 267 14.99 7.85 60.35
N THR D 268 15.98 7.34 61.08
CA THR D 268 16.45 5.98 60.87
C THR D 268 15.54 4.98 61.57
N ILE D 269 15.74 3.70 61.25
CA ILE D 269 14.94 2.62 61.80
C ILE D 269 15.73 1.92 62.89
N THR D 270 15.14 1.80 64.07
CA THR D 270 15.76 1.13 65.21
C THR D 270 15.39 -0.35 65.18
N ASP D 271 15.72 -1.06 66.26
CA ASP D 271 15.42 -2.49 66.35
C ASP D 271 13.92 -2.72 66.47
N ALA D 272 13.47 -3.83 65.88
CA ALA D 272 12.06 -4.20 65.88
C ALA D 272 11.78 -5.25 66.95
N VAL D 273 10.54 -5.73 66.98
CA VAL D 273 10.14 -6.73 67.95
C VAL D 273 10.00 -8.09 67.28
C1 NAG E . 16.33 20.61 37.76
C2 NAG E . 17.58 20.50 38.62
C3 NAG E . 17.98 21.87 39.16
C4 NAG E . 18.12 22.86 38.02
C5 NAG E . 16.86 22.90 37.17
C6 NAG E . 16.98 23.77 35.94
C7 NAG E . 18.07 18.43 39.85
C8 NAG E . 17.72 17.58 41.04
N2 NAG E . 17.37 19.57 39.72
O3 NAG E . 19.21 21.76 39.87
O4 NAG E . 18.37 24.17 38.53
O5 NAG E . 16.56 21.57 36.71
O6 NAG E . 18.10 23.41 35.16
O7 NAG E . 18.94 18.09 39.05
C1 NAG F . 14.63 18.00 12.36
C2 NAG F . 13.98 18.28 13.72
C3 NAG F . 13.11 19.53 13.64
C4 NAG F . 13.91 20.71 13.09
C5 NAG F . 14.55 20.34 11.76
C6 NAG F . 15.46 21.41 11.22
C7 NAG F . 13.10 16.79 15.45
C8 NAG F . 12.26 15.59 15.74
N2 NAG F . 13.20 17.14 14.17
O3 NAG F . 12.61 19.85 14.93
O4 NAG F . 13.06 21.83 12.90
O5 NAG F . 15.36 19.16 11.93
O6 NAG F . 16.14 22.10 12.27
O7 NAG F . 13.68 17.41 16.34
C1 NAG G . 15.59 -25.21 60.01
C2 NAG G . 15.12 -25.57 61.43
C3 NAG G . 16.06 -26.61 62.05
C4 NAG G . 16.21 -27.81 61.13
C5 NAG G . 16.63 -27.37 59.73
C6 NAG G . 16.67 -28.50 58.73
C7 NAG G . 14.00 -24.15 63.09
C8 NAG G . 14.08 -22.88 63.88
N2 NAG G . 15.04 -24.39 62.26
O3 NAG G . 15.55 -27.01 63.31
O4 NAG G . 17.19 -28.70 61.65
O5 NAG G . 15.70 -26.41 59.22
O6 NAG G . 15.70 -28.34 57.72
O7 NAG G . 13.05 -24.93 63.18
C1 NAG H . 30.48 -4.04 30.86
C2 NAG H . 30.50 -4.44 29.38
C3 NAG H . 29.99 -3.28 28.52
C4 NAG H . 28.63 -2.80 29.02
C5 NAG H . 28.70 -2.47 30.52
C6 NAG H . 27.36 -2.09 31.10
C7 NAG H . 32.11 -6.06 28.51
C8 NAG H . 33.54 -6.31 28.12
N2 NAG H . 31.82 -4.83 28.96
O3 NAG H . 29.88 -3.71 27.18
O4 NAG H . 28.23 -1.63 28.30
O5 NAG H . 29.16 -3.62 31.24
O6 NAG H . 27.15 -2.71 32.36
O7 NAG H . 31.25 -6.94 28.42
C1 NAG I . 9.21 -11.83 19.08
C2 NAG I . 8.48 -10.90 20.06
C3 NAG I . 7.30 -10.23 19.37
C4 NAG I . 7.75 -9.53 18.09
C5 NAG I . 8.50 -10.51 17.19
C6 NAG I . 9.07 -9.84 15.96
C7 NAG I . 8.43 -11.32 22.48
C8 NAG I . 7.88 -12.17 23.58
N2 NAG I . 8.05 -11.63 21.24
O3 NAG I . 6.70 -9.29 20.26
O4 NAG I . 6.63 -9.01 17.40
O5 NAG I . 9.60 -11.08 17.90
O6 NAG I . 10.49 -9.76 16.02
O7 NAG I . 9.19 -10.38 22.71
C1 NAG J . 2.70 -16.41 35.53
C2 NAG J . 2.17 -15.70 34.27
C3 NAG J . 0.65 -15.69 34.26
C4 NAG J . 0.11 -17.10 34.43
C5 NAG J . 0.70 -17.76 35.68
C6 NAG J . 0.30 -19.20 35.85
C7 NAG J . 3.00 -13.77 33.00
C8 NAG J . 3.52 -12.36 33.09
N2 NAG J . 2.70 -14.34 34.18
O3 NAG J . 0.19 -15.15 33.03
O4 NAG J . -1.31 -17.07 34.55
O5 NAG J . 2.14 -17.74 35.60
O6 NAG J . 1.40 -20.01 36.24
O7 NAG J . 2.86 -14.35 31.94
C1 NAG K . 20.20 13.82 64.23
C2 NAG K . 21.62 13.31 64.54
C3 NAG K . 22.46 14.41 65.18
C4 NAG K . 22.43 15.67 64.32
C5 NAG K . 21.01 16.10 64.06
C6 NAG K . 20.90 17.28 63.13
C7 NAG K . 22.32 11.04 65.16
C8 NAG K . 22.15 9.91 66.14
N2 NAG K . 21.58 12.12 65.38
O3 NAG K . 23.80 13.94 65.34
O4 NAG K . 23.13 16.71 65.00
O5 NAG K . 20.28 15.02 63.44
O6 NAG K . 21.57 17.03 61.90
O7 NAG K . 23.09 10.96 64.21
#